data_7XFY
#
_entry.id   7XFY
#
_cell.length_a   89.583
_cell.length_b   101.026
_cell.length_c   163.412
_cell.angle_alpha   90.000
_cell.angle_beta   90.000
_cell.angle_gamma   90.000
#
_symmetry.space_group_name_H-M   'I 2 2 2'
#
loop_
_entity.id
_entity.type
_entity.pdbx_description
1 polymer 'Peptidoglycan recognition protein 1'
2 non-polymer 1,2-ETHANEDIOL
3 non-polymer 'L(+)-TARTARIC ACID'
4 non-polymer 'CHLORIDE ION'
5 non-polymer 'ACETATE ION'
6 non-polymer 'HEXANOIC ACID'
7 non-polymer GLYCEROL
8 water water
#
_entity_poly.entity_id   1
_entity_poly.type   'polypeptide(L)'
_entity_poly.pdbx_seq_one_letter_code
;EDPPACGSIVPRREWRALASECRERLTRPVRYVVVSHTAGSHCDTPASCAQQAQNVQSYHVRNLGWCDVGYNFLIGEDGL
VYEGRGWNIKGAHAGPTWNPISIGISFMGNYMNRVPPPRALRAAQNLLACGVALGALRSNYEVKGHRDVQPTLSPGDRLY
EIIQTWSHYRA
;
_entity_poly.pdbx_strand_id   A,B,C,D
#
loop_
_chem_comp.id
_chem_comp.type
_chem_comp.name
_chem_comp.formula
6NA non-polymer 'HEXANOIC ACID' 'C6 H12 O2'
ACT non-polymer 'ACETATE ION' 'C2 H3 O2 -1'
CL non-polymer 'CHLORIDE ION' 'Cl -1'
EDO non-polymer 1,2-ETHANEDIOL 'C2 H6 O2'
GOL non-polymer GLYCEROL 'C3 H8 O3'
TLA non-polymer 'L(+)-TARTARIC ACID' 'C4 H6 O6'
#
# COMPACT_ATOMS: atom_id res chain seq x y z
N CYS A 6 16.51 6.27 -8.41
CA CYS A 6 15.56 5.80 -7.34
C CYS A 6 16.25 4.78 -6.41
N GLY A 7 16.20 5.03 -5.10
CA GLY A 7 16.58 4.08 -4.03
C GLY A 7 17.84 4.48 -3.27
N SER A 8 18.79 5.15 -3.94
CA SER A 8 20.06 5.55 -3.30
C SER A 8 20.78 4.31 -2.68
N ILE A 9 20.45 3.14 -3.20
CA ILE A 9 21.03 1.82 -2.81
C ILE A 9 22.55 1.89 -2.98
N VAL A 10 23.31 1.42 -2.00
CA VAL A 10 24.78 1.31 -2.08
C VAL A 10 25.08 0.07 -2.92
N PRO A 11 25.69 0.20 -4.13
CA PRO A 11 25.83 -0.91 -5.07
C PRO A 11 26.96 -1.87 -4.66
N ARG A 12 26.88 -3.13 -5.13
CA ARG A 12 27.76 -4.27 -4.74
C ARG A 12 29.21 -3.81 -4.74
N ARG A 13 29.66 -3.20 -5.84
CA ARG A 13 31.06 -2.74 -6.01
C ARG A 13 31.44 -1.83 -4.85
N GLU A 14 30.52 -1.05 -4.30
CA GLU A 14 30.85 0.02 -3.32
C GLU A 14 31.22 -0.59 -1.96
N TRP A 15 30.45 -1.57 -1.46
CA TRP A 15 30.78 -2.28 -0.19
C TRP A 15 31.80 -3.40 -0.44
N ARG A 16 32.21 -3.59 -1.69
CA ARG A 16 33.39 -4.42 -2.09
C ARG A 16 32.97 -5.88 -1.99
N ALA A 17 31.83 -6.20 -2.57
CA ALA A 17 31.19 -7.53 -2.50
C ALA A 17 31.81 -8.43 -3.55
N LEU A 18 32.20 -9.64 -3.17
CA LEU A 18 32.62 -10.72 -4.11
C LEU A 18 31.57 -10.87 -5.21
N ALA A 19 31.98 -11.16 -6.44
CA ALA A 19 31.08 -11.51 -7.56
C ALA A 19 30.13 -12.64 -7.13
N SER A 20 28.84 -12.44 -7.42
CA SER A 20 27.75 -13.42 -7.17
C SER A 20 27.94 -14.56 -8.16
N GLU A 21 27.61 -15.77 -7.73
CA GLU A 21 27.56 -16.96 -8.61
C GLU A 21 26.10 -17.37 -8.90
N CYS A 22 25.11 -16.59 -8.42
CA CYS A 22 23.66 -16.98 -8.40
C CYS A 22 23.08 -16.83 -9.82
N ARG A 23 22.23 -17.79 -10.25
CA ARG A 23 21.62 -17.84 -11.62
C ARG A 23 20.09 -17.75 -11.53
N GLU A 24 19.45 -18.48 -10.62
CA GLU A 24 17.97 -18.60 -10.61
C GLU A 24 17.33 -17.26 -10.29
N ARG A 25 16.40 -16.86 -11.16
CA ARG A 25 15.72 -15.55 -11.19
C ARG A 25 14.43 -15.63 -10.34
N LEU A 26 13.89 -14.44 -10.01
CA LEU A 26 12.48 -14.25 -9.52
C LEU A 26 11.59 -13.86 -10.70
N THR A 27 10.29 -14.16 -10.60
CA THR A 27 9.24 -13.70 -11.53
C THR A 27 8.70 -12.35 -11.04
N ARG A 28 8.75 -11.33 -11.87
CA ARG A 28 8.19 -10.00 -11.53
C ARG A 28 6.71 -10.00 -11.89
N PRO A 29 5.86 -9.23 -11.22
CA PRO A 29 6.21 -8.55 -9.96
C PRO A 29 6.08 -9.50 -8.77
N VAL A 30 6.96 -9.35 -7.80
CA VAL A 30 7.03 -10.22 -6.60
C VAL A 30 6.00 -9.77 -5.57
N ARG A 31 5.30 -10.71 -4.93
CA ARG A 31 4.16 -10.42 -4.04
C ARG A 31 4.60 -10.24 -2.58
N TYR A 32 5.71 -10.85 -2.15
CA TYR A 32 6.01 -10.95 -0.69
C TYR A 32 7.33 -10.29 -0.36
N VAL A 33 7.40 -9.65 0.80
CA VAL A 33 8.68 -9.12 1.37
C VAL A 33 8.82 -9.67 2.77
N VAL A 34 9.94 -10.33 3.04
CA VAL A 34 10.21 -11.01 4.33
C VAL A 34 11.33 -10.24 5.04
N VAL A 35 11.09 -9.83 6.28
CA VAL A 35 12.05 -8.90 6.97
C VAL A 35 12.79 -9.70 8.03
N SER A 36 14.10 -9.67 7.97
CA SER A 36 14.99 -10.41 8.88
C SER A 36 15.91 -9.42 9.60
N HIS A 37 16.70 -9.95 10.55
CA HIS A 37 17.92 -9.32 11.06
C HIS A 37 19.08 -10.29 10.88
N THR A 38 20.31 -9.80 10.93
CA THR A 38 21.54 -10.62 10.76
C THR A 38 21.85 -11.35 12.07
N ALA A 39 21.26 -10.91 13.19
CA ALA A 39 21.54 -11.31 14.58
C ALA A 39 22.99 -11.00 14.94
N GLY A 40 23.67 -10.18 14.12
CA GLY A 40 25.10 -9.86 14.20
C GLY A 40 25.37 -8.40 14.61
N SER A 41 26.65 -8.02 14.62
CA SER A 41 27.19 -6.68 15.03
C SER A 41 26.58 -5.58 14.16
N HIS A 42 26.11 -4.49 14.77
CA HIS A 42 25.46 -3.33 14.09
C HIS A 42 26.48 -2.25 13.69
N CYS A 43 26.06 -1.27 12.91
CA CYS A 43 27.00 -0.28 12.36
C CYS A 43 26.19 0.97 12.04
N ASP A 44 26.78 2.16 12.25
CA ASP A 44 26.05 3.46 12.06
C ASP A 44 26.97 4.45 11.34
N THR A 45 27.85 3.94 10.49
CA THR A 45 28.65 4.75 9.53
C THR A 45 28.70 4.01 8.21
N PRO A 46 28.65 4.73 7.08
CA PRO A 46 28.87 4.10 5.78
C PRO A 46 30.05 3.13 5.87
N ALA A 47 31.09 3.55 6.57
CA ALA A 47 32.40 2.86 6.61
C ALA A 47 32.20 1.50 7.27
N SER A 48 31.69 1.45 8.50
CA SER A 48 31.55 0.22 9.30
C SER A 48 30.45 -0.65 8.69
N CYS A 49 29.40 -0.03 8.15
CA CYS A 49 28.22 -0.70 7.53
C CYS A 49 28.60 -1.40 6.20
N ALA A 50 29.48 -0.82 5.41
CA ALA A 50 30.01 -1.44 4.19
C ALA A 50 30.74 -2.72 4.61
N GLN A 51 31.60 -2.59 5.61
CA GLN A 51 32.42 -3.68 6.20
C GLN A 51 31.47 -4.78 6.69
N GLN A 52 30.32 -4.39 7.22
CA GLN A 52 29.35 -5.34 7.83
C GLN A 52 28.67 -6.14 6.71
N ALA A 53 28.22 -5.45 5.66
CA ALA A 53 27.69 -6.16 4.49
C ALA A 53 28.75 -7.20 4.07
N GLN A 54 30.01 -6.79 3.92
CA GLN A 54 31.11 -7.70 3.51
C GLN A 54 31.17 -8.92 4.44
N ASN A 55 31.00 -8.69 5.74
CA ASN A 55 31.09 -9.70 6.83
C ASN A 55 29.98 -10.74 6.70
N VAL A 56 28.77 -10.27 6.46
CA VAL A 56 27.56 -11.12 6.26
C VAL A 56 27.69 -11.89 4.94
N GLN A 57 28.04 -11.20 3.85
CA GLN A 57 28.35 -11.84 2.56
C GLN A 57 29.34 -12.96 2.79
N SER A 58 30.42 -12.66 3.51
CA SER A 58 31.54 -13.59 3.78
C SER A 58 31.00 -14.84 4.49
N TYR A 59 30.33 -14.65 5.64
CA TYR A 59 29.75 -15.78 6.42
C TYR A 59 28.89 -16.64 5.46
N HIS A 60 28.04 -16.04 4.63
CA HIS A 60 27.12 -16.75 3.71
C HIS A 60 27.91 -17.44 2.60
N VAL A 61 28.84 -16.74 1.98
CA VAL A 61 29.57 -17.30 0.82
C VAL A 61 30.56 -18.32 1.34
N ARG A 62 31.30 -17.99 2.39
CA ARG A 62 32.53 -18.75 2.70
C ARG A 62 32.24 -19.92 3.65
N ASN A 63 31.42 -19.69 4.65
CA ASN A 63 31.09 -20.70 5.68
C ASN A 63 29.87 -21.56 5.28
N LEU A 64 28.86 -21.01 4.60
CA LEU A 64 27.64 -21.78 4.26
C LEU A 64 27.66 -22.14 2.77
N GLY A 65 28.74 -21.80 2.07
CA GLY A 65 28.91 -22.15 0.65
C GLY A 65 27.75 -21.69 -0.22
N TRP A 66 27.17 -20.53 0.05
CA TRP A 66 26.09 -19.94 -0.76
C TRP A 66 26.72 -19.17 -1.91
N CYS A 67 25.92 -18.95 -2.96
CA CYS A 67 26.37 -18.32 -4.23
C CYS A 67 26.62 -16.83 -4.00
N ASP A 68 26.17 -16.27 -2.87
CA ASP A 68 26.13 -14.81 -2.60
C ASP A 68 25.50 -14.57 -1.23
N VAL A 69 25.73 -13.41 -0.64
CA VAL A 69 24.91 -12.93 0.51
C VAL A 69 23.44 -13.30 0.21
N GLY A 70 22.78 -13.87 1.21
CA GLY A 70 21.47 -14.50 1.03
C GLY A 70 20.35 -13.49 0.88
N TYR A 71 20.58 -12.26 1.32
CA TYR A 71 19.51 -11.24 1.33
C TYR A 71 19.51 -10.53 -0.04
N ASN A 72 18.31 -10.18 -0.51
CA ASN A 72 18.11 -9.29 -1.67
C ASN A 72 18.69 -7.89 -1.37
N PHE A 73 18.45 -7.36 -0.16
CA PHE A 73 18.96 -6.06 0.35
C PHE A 73 19.31 -6.13 1.84
N LEU A 74 20.29 -5.35 2.27
CA LEU A 74 20.59 -5.16 3.71
C LEU A 74 20.36 -3.70 4.11
N ILE A 75 19.85 -3.48 5.31
CA ILE A 75 19.64 -2.12 5.87
C ILE A 75 20.67 -1.91 6.99
N GLY A 76 21.48 -0.86 6.82
CA GLY A 76 22.40 -0.36 7.85
C GLY A 76 21.71 0.60 8.79
N GLU A 77 22.23 0.76 10.01
CA GLU A 77 21.80 1.83 10.95
C GLU A 77 22.37 3.18 10.48
N ASP A 78 23.35 3.17 9.56
CA ASP A 78 23.90 4.36 8.87
C ASP A 78 22.81 5.02 8.02
N GLY A 79 21.65 4.37 7.81
CA GLY A 79 20.49 4.93 7.09
C GLY A 79 20.53 4.63 5.60
N LEU A 80 21.44 3.73 5.18
CA LEU A 80 21.72 3.38 3.76
C LEU A 80 21.30 1.92 3.49
N VAL A 81 20.66 1.67 2.35
CA VAL A 81 20.40 0.32 1.80
C VAL A 81 21.64 -0.20 1.06
N TYR A 82 22.11 -1.39 1.42
CA TYR A 82 23.22 -2.11 0.76
C TYR A 82 22.62 -3.15 -0.15
N GLU A 83 22.99 -3.11 -1.42
CA GLU A 83 22.52 -4.08 -2.45
C GLU A 83 23.11 -5.46 -2.17
N GLY A 84 22.24 -6.47 -2.25
CA GLY A 84 22.62 -7.89 -2.35
C GLY A 84 22.28 -8.49 -3.72
N ARG A 85 21.47 -9.53 -3.68
CA ARG A 85 21.06 -10.28 -4.88
C ARG A 85 20.25 -9.33 -5.76
N GLY A 86 19.56 -8.35 -5.16
CA GLY A 86 18.81 -7.31 -5.89
C GLY A 86 17.36 -7.74 -6.13
N TRP A 87 16.68 -7.09 -7.08
CA TRP A 87 15.22 -7.28 -7.30
C TRP A 87 14.89 -8.54 -8.12
N ASN A 88 15.86 -9.06 -8.87
CA ASN A 88 15.63 -10.04 -9.97
C ASN A 88 16.11 -11.45 -9.62
N ILE A 89 17.00 -11.61 -8.64
CA ILE A 89 17.67 -12.90 -8.29
C ILE A 89 17.01 -13.47 -7.04
N LYS A 90 16.60 -14.73 -7.07
CA LYS A 90 16.14 -15.52 -5.91
C LYS A 90 17.24 -15.55 -4.83
N GLY A 91 16.89 -15.23 -3.58
CA GLY A 91 17.80 -15.14 -2.43
C GLY A 91 17.72 -16.39 -1.59
N ALA A 92 18.42 -16.44 -0.45
CA ALA A 92 18.54 -17.56 0.51
C ALA A 92 18.41 -17.00 1.93
N HIS A 93 17.19 -16.70 2.35
CA HIS A 93 16.95 -15.91 3.58
C HIS A 93 15.78 -16.47 4.39
N ALA A 94 14.86 -17.20 3.76
CA ALA A 94 13.60 -17.66 4.41
C ALA A 94 13.24 -19.10 4.01
N GLY A 95 14.19 -19.89 3.51
CA GLY A 95 13.93 -21.31 3.19
C GLY A 95 13.12 -21.51 1.91
N PRO A 96 12.85 -22.80 1.55
CA PRO A 96 12.58 -23.15 0.14
C PRO A 96 11.16 -22.83 -0.37
N THR A 97 10.20 -22.70 0.54
CA THR A 97 8.79 -22.33 0.20
C THR A 97 8.72 -20.83 -0.16
N TRP A 98 9.48 -19.98 0.56
CA TRP A 98 9.38 -18.49 0.56
C TRP A 98 10.48 -17.84 -0.28
N ASN A 99 11.65 -18.46 -0.38
CA ASN A 99 12.83 -17.96 -1.15
C ASN A 99 12.44 -17.72 -2.60
N PRO A 100 11.75 -18.63 -3.30
CA PRO A 100 11.40 -18.41 -4.72
C PRO A 100 10.24 -17.46 -5.06
N ILE A 101 9.58 -16.85 -4.06
CA ILE A 101 8.35 -16.02 -4.27
C ILE A 101 8.41 -14.72 -3.45
N SER A 102 9.56 -14.36 -2.87
CA SER A 102 9.66 -13.22 -1.93
C SER A 102 10.96 -12.47 -2.11
N ILE A 103 10.99 -11.23 -1.64
CA ILE A 103 12.20 -10.39 -1.46
C ILE A 103 12.55 -10.49 0.02
N GLY A 104 13.83 -10.70 0.32
CA GLY A 104 14.31 -10.72 1.72
C GLY A 104 15.19 -9.53 2.03
N ILE A 105 14.74 -8.67 2.93
CA ILE A 105 15.53 -7.50 3.42
C ILE A 105 15.90 -7.82 4.85
N SER A 106 17.16 -7.60 5.18
CA SER A 106 17.74 -7.90 6.51
C SER A 106 18.28 -6.62 7.14
N PHE A 107 17.84 -6.28 8.34
CA PHE A 107 18.49 -5.23 9.16
C PHE A 107 19.81 -5.74 9.76
N MET A 108 20.94 -5.09 9.48
CA MET A 108 22.26 -5.56 9.99
C MET A 108 22.38 -5.25 11.50
N GLY A 109 22.26 -6.28 12.36
CA GLY A 109 22.23 -6.14 13.83
C GLY A 109 21.45 -7.23 14.54
N ASN A 110 20.99 -6.97 15.77
CA ASN A 110 20.14 -7.89 16.58
C ASN A 110 19.10 -7.03 17.31
N TYR A 111 17.83 -7.07 16.87
CA TYR A 111 16.74 -6.18 17.33
C TYR A 111 15.75 -6.94 18.23
N MET A 112 16.31 -7.66 19.22
CA MET A 112 15.57 -8.33 20.31
C MET A 112 15.36 -7.32 21.45
N ASN A 113 16.43 -6.56 21.76
CA ASN A 113 16.53 -5.57 22.87
C ASN A 113 16.47 -4.12 22.37
N ARG A 114 17.04 -3.82 21.20
CA ARG A 114 17.10 -2.45 20.60
C ARG A 114 16.16 -2.31 19.39
N VAL A 115 15.54 -1.15 19.22
CA VAL A 115 14.82 -0.81 17.96
C VAL A 115 15.87 -0.28 16.98
N PRO A 116 15.65 -0.41 15.65
CA PRO A 116 16.49 0.26 14.68
C PRO A 116 16.15 1.75 14.72
N PRO A 117 17.16 2.60 14.44
CA PRO A 117 16.97 4.05 14.42
C PRO A 117 16.12 4.40 13.23
N PRO A 118 15.27 5.45 13.31
CA PRO A 118 14.28 5.73 12.26
C PRO A 118 14.80 5.86 10.82
N ARG A 119 16.05 6.29 10.63
CA ARG A 119 16.67 6.37 9.26
C ARG A 119 16.78 4.96 8.63
N ALA A 120 17.11 3.94 9.41
CA ALA A 120 17.02 2.51 9.01
C ALA A 120 15.60 2.19 8.54
N LEU A 121 14.59 2.51 9.36
CA LEU A 121 13.18 2.15 9.10
C LEU A 121 12.74 2.93 7.87
N ARG A 122 13.33 4.09 7.61
CA ARG A 122 12.92 5.01 6.51
C ARG A 122 13.49 4.44 5.20
N ALA A 123 14.75 4.00 5.22
CA ALA A 123 15.43 3.36 4.08
C ALA A 123 14.66 2.11 3.66
N ALA A 124 14.36 1.20 4.59
CA ALA A 124 13.52 0.01 4.36
C ALA A 124 12.24 0.43 3.63
N GLN A 125 11.44 1.32 4.19
CA GLN A 125 10.14 1.67 3.61
C GLN A 125 10.34 2.27 2.21
N ASN A 126 11.29 3.18 2.09
CA ASN A 126 11.59 3.96 0.86
C ASN A 126 11.99 2.96 -0.24
N LEU A 127 12.83 1.99 0.12
CA LEU A 127 13.24 0.84 -0.75
C LEU A 127 12.02 0.16 -1.37
N LEU A 128 11.06 -0.26 -0.54
CA LEU A 128 9.90 -1.05 -0.98
C LEU A 128 9.09 -0.23 -1.99
N ALA A 129 8.89 1.05 -1.67
CA ALA A 129 8.18 2.01 -2.54
C ALA A 129 8.86 2.03 -3.92
N CYS A 130 10.21 2.01 -3.94
CA CYS A 130 11.06 1.97 -5.17
C CYS A 130 10.85 0.64 -5.86
N GLY A 131 10.80 -0.45 -5.09
CA GLY A 131 10.46 -1.76 -5.65
C GLY A 131 9.17 -1.70 -6.43
N VAL A 132 8.13 -1.10 -5.85
CA VAL A 132 6.78 -0.92 -6.46
C VAL A 132 6.90 -0.01 -7.70
N ALA A 133 7.60 1.12 -7.57
CA ALA A 133 7.89 2.07 -8.67
C ALA A 133 8.45 1.31 -9.88
N LEU A 134 9.50 0.50 -9.65
CA LEU A 134 10.22 -0.30 -10.68
C LEU A 134 9.35 -1.45 -11.19
N GLY A 135 8.41 -1.95 -10.40
CA GLY A 135 7.53 -3.08 -10.81
C GLY A 135 8.15 -4.43 -10.47
N ALA A 136 9.28 -4.42 -9.74
CA ALA A 136 9.88 -5.60 -9.07
C ALA A 136 8.88 -6.17 -8.06
N LEU A 137 8.27 -5.29 -7.26
CA LEU A 137 7.18 -5.60 -6.28
C LEU A 137 5.83 -5.21 -6.88
N ARG A 138 4.79 -5.92 -6.46
CA ARG A 138 3.37 -5.62 -6.79
C ARG A 138 2.93 -4.40 -5.98
N SER A 139 2.00 -3.61 -6.52
CA SER A 139 1.41 -2.45 -5.78
C SER A 139 0.86 -2.95 -4.44
N ASN A 140 0.29 -4.17 -4.44
CA ASN A 140 -0.38 -4.77 -3.26
C ASN A 140 0.55 -5.80 -2.61
N TYR A 141 1.86 -5.51 -2.55
CA TYR A 141 2.85 -6.39 -1.87
C TYR A 141 2.40 -6.62 -0.43
N GLU A 142 2.91 -7.71 0.15
CA GLU A 142 2.64 -8.10 1.55
C GLU A 142 3.96 -8.31 2.27
N VAL A 143 4.17 -7.59 3.36
CA VAL A 143 5.41 -7.63 4.20
C VAL A 143 5.19 -8.64 5.30
N LYS A 144 6.10 -9.62 5.46
CA LYS A 144 5.97 -10.68 6.49
C LYS A 144 7.19 -10.62 7.39
N GLY A 145 7.05 -11.00 8.67
CA GLY A 145 8.19 -11.33 9.54
C GLY A 145 8.94 -12.59 9.07
N HIS A 146 10.23 -12.69 9.31
CA HIS A 146 10.97 -13.97 9.17
C HIS A 146 10.25 -15.01 10.04
N ARG A 147 10.02 -14.71 11.31
CA ARG A 147 9.38 -15.63 12.29
C ARG A 147 8.03 -16.10 11.76
N ASP A 148 7.30 -15.25 11.04
CA ASP A 148 5.94 -15.58 10.51
C ASP A 148 6.00 -16.71 9.45
N VAL A 149 7.16 -17.03 8.89
CA VAL A 149 7.29 -18.08 7.82
C VAL A 149 8.40 -19.11 8.13
N GLN A 150 9.01 -19.08 9.32
CA GLN A 150 10.11 -20.01 9.71
C GLN A 150 10.23 -20.00 11.22
N PRO A 151 10.67 -21.10 11.85
CA PRO A 151 10.82 -21.13 13.30
C PRO A 151 12.11 -20.36 13.59
N THR A 152 11.99 -19.09 13.96
CA THR A 152 13.17 -18.25 14.32
C THR A 152 12.73 -17.06 15.17
N LEU A 153 13.72 -16.34 15.70
CA LEU A 153 13.50 -15.12 16.54
C LEU A 153 13.48 -13.89 15.64
N SER A 154 14.39 -13.85 14.65
CA SER A 154 14.48 -12.90 13.51
C SER A 154 13.10 -12.41 13.07
N PRO A 155 12.84 -11.09 12.87
CA PRO A 155 13.87 -10.05 12.89
C PRO A 155 14.11 -9.45 14.29
N GLY A 156 13.70 -10.15 15.34
CA GLY A 156 13.83 -9.71 16.74
C GLY A 156 12.56 -9.02 17.15
N ASP A 157 12.20 -9.01 18.43
CA ASP A 157 10.83 -8.66 18.90
C ASP A 157 10.61 -7.15 18.79
N ARG A 158 11.65 -6.34 19.07
CA ARG A 158 11.62 -4.85 18.99
C ARG A 158 11.25 -4.40 17.58
N LEU A 159 11.98 -4.96 16.61
CA LEU A 159 11.82 -4.74 15.16
C LEU A 159 10.53 -5.43 14.69
N TYR A 160 10.27 -6.65 15.14
CA TYR A 160 9.04 -7.40 14.76
C TYR A 160 7.84 -6.55 15.15
N GLU A 161 7.78 -6.14 16.41
CA GLU A 161 6.77 -5.19 16.96
C GLU A 161 6.53 -4.04 15.99
N ILE A 162 7.63 -3.35 15.64
CA ILE A 162 7.63 -2.18 14.72
C ILE A 162 7.00 -2.62 13.39
N ILE A 163 7.46 -3.70 12.76
CA ILE A 163 7.13 -3.97 11.33
C ILE A 163 5.67 -4.39 11.25
N GLN A 164 5.09 -4.80 12.39
CA GLN A 164 3.65 -5.18 12.50
C GLN A 164 2.76 -3.95 12.34
N THR A 165 3.29 -2.75 12.58
CA THR A 165 2.57 -1.46 12.47
C THR A 165 2.59 -0.91 11.03
N TRP A 166 3.17 -1.62 10.05
CA TRP A 166 3.32 -1.19 8.63
C TRP A 166 2.05 -1.52 7.87
N SER A 167 1.69 -0.71 6.88
CA SER A 167 0.40 -0.79 6.13
C SER A 167 0.37 -2.05 5.25
N HIS A 168 1.51 -2.54 4.81
CA HIS A 168 1.59 -3.68 3.88
C HIS A 168 1.72 -4.98 4.70
N TYR A 169 1.89 -4.90 6.02
CA TYR A 169 2.10 -6.08 6.90
C TYR A 169 0.84 -6.96 6.94
N ARG A 170 1.04 -8.27 6.87
CA ARG A 170 -0.01 -9.32 6.94
C ARG A 170 0.46 -10.51 7.78
N ALA A 171 -0.02 -10.60 9.02
CA ALA A 171 0.27 -11.70 9.98
C ALA A 171 0.58 -13.00 9.21
N CYS B 6 9.14 8.81 1.47
CA CYS B 6 10.33 9.14 0.65
C CYS B 6 10.93 10.47 1.13
N GLY B 7 12.22 10.65 0.89
CA GLY B 7 13.07 9.72 0.18
C GLY B 7 14.32 9.47 0.98
N SER B 8 14.14 8.87 2.17
CA SER B 8 15.18 8.79 3.22
C SER B 8 15.73 10.20 3.47
N ILE B 9 14.83 11.20 3.47
CA ILE B 9 15.10 12.59 3.92
C ILE B 9 15.03 12.60 5.45
N VAL B 10 16.12 13.03 6.10
CA VAL B 10 16.17 13.24 7.57
C VAL B 10 15.33 14.46 7.91
N PRO B 11 14.26 14.35 8.72
CA PRO B 11 13.35 15.48 8.91
C PRO B 11 13.94 16.50 9.90
N ARG B 12 13.49 17.76 9.81
CA ARG B 12 13.96 18.89 10.68
C ARG B 12 14.17 18.36 12.09
N ARG B 13 13.11 17.81 12.69
CA ARG B 13 13.05 17.37 14.10
C ARG B 13 14.17 16.38 14.41
N GLU B 14 14.63 15.59 13.42
CA GLU B 14 15.60 14.47 13.64
C GLU B 14 17.02 15.01 13.79
N TRP B 15 17.37 16.13 13.13
CA TRP B 15 18.72 16.78 13.19
C TRP B 15 18.73 17.95 14.22
N ARG B 16 17.66 18.04 15.03
CA ARG B 16 17.46 18.87 16.24
C ARG B 16 17.26 20.33 15.81
N ALA B 17 16.58 20.56 14.69
CA ALA B 17 16.41 21.89 14.09
C ALA B 17 15.69 22.80 15.08
N LEU B 18 15.84 24.12 14.90
CA LEU B 18 14.96 25.16 15.51
C LEU B 18 13.74 25.34 14.60
N ALA B 19 12.67 25.96 15.10
CA ALA B 19 11.40 26.15 14.36
C ALA B 19 11.64 27.15 13.22
N SER B 20 11.32 26.79 11.98
CA SER B 20 11.28 27.75 10.86
C SER B 20 10.29 28.88 11.19
N GLU B 21 10.54 30.07 10.67
CA GLU B 21 9.62 31.22 10.79
C GLU B 21 9.34 31.81 9.41
N CYS B 22 9.57 31.06 8.33
CA CYS B 22 9.47 31.61 6.94
C CYS B 22 8.03 31.44 6.46
N ARG B 23 7.49 32.43 5.77
CA ARG B 23 6.07 32.50 5.35
C ARG B 23 6.03 32.43 3.82
N GLU B 24 6.99 33.06 3.12
CA GLU B 24 6.96 33.19 1.64
C GLU B 24 7.07 31.78 1.01
N ARG B 25 6.11 31.46 0.13
CA ARG B 25 5.92 30.09 -0.41
C ARG B 25 6.43 30.03 -1.86
N LEU B 26 7.06 28.92 -2.21
CA LEU B 26 7.44 28.56 -3.61
C LEU B 26 6.21 28.14 -4.42
N THR B 27 5.92 28.86 -5.51
CA THR B 27 5.04 28.40 -6.63
C THR B 27 5.55 27.07 -7.19
N ARG B 28 4.87 25.94 -7.00
CA ARG B 28 5.24 24.68 -7.72
C ARG B 28 4.59 24.71 -9.11
N PRO B 29 4.98 23.85 -10.08
CA PRO B 29 6.19 23.03 -9.98
C PRO B 29 7.36 23.92 -10.39
N VAL B 30 8.54 23.72 -9.77
CA VAL B 30 9.75 24.60 -9.91
C VAL B 30 10.56 24.12 -11.11
N ARG B 31 11.14 25.07 -11.85
CA ARG B 31 11.89 24.83 -13.10
C ARG B 31 13.38 24.53 -12.78
N TYR B 32 13.90 25.14 -11.72
CA TYR B 32 15.35 25.31 -11.49
C TYR B 32 15.73 24.68 -10.16
N VAL B 33 16.91 24.05 -10.16
CA VAL B 33 17.60 23.52 -8.95
C VAL B 33 18.95 24.18 -8.92
N VAL B 34 19.33 24.83 -7.82
CA VAL B 34 20.69 25.45 -7.67
C VAL B 34 21.49 24.60 -6.69
N VAL B 35 22.65 24.10 -7.15
CA VAL B 35 23.62 23.29 -6.34
C VAL B 35 24.72 24.20 -5.80
N SER B 36 24.83 24.26 -4.48
CA SER B 36 25.84 25.01 -3.69
C SER B 36 26.67 24.06 -2.82
N HIS B 37 27.66 24.62 -2.08
CA HIS B 37 28.29 23.94 -0.91
C HIS B 37 28.09 24.83 0.32
N THR B 38 28.16 24.28 1.54
CA THR B 38 28.08 25.06 2.80
C THR B 38 29.38 25.87 2.95
N ALA B 39 30.46 25.41 2.31
CA ALA B 39 31.85 25.84 2.55
C ALA B 39 32.10 25.84 4.06
N GLY B 40 31.47 24.90 4.76
CA GLY B 40 31.67 24.69 6.20
C GLY B 40 32.49 23.44 6.44
N SER B 41 32.37 22.90 7.66
CA SER B 41 33.00 21.62 8.07
C SER B 41 32.25 20.52 7.34
N HIS B 42 32.97 19.53 6.80
CA HIS B 42 32.37 18.30 6.21
C HIS B 42 32.20 17.24 7.31
N CYS B 43 31.35 16.23 7.05
CA CYS B 43 30.90 15.21 8.03
C CYS B 43 30.57 13.91 7.26
N ASP B 44 30.93 12.75 7.79
CA ASP B 44 30.73 11.45 7.07
C ASP B 44 29.98 10.44 7.95
N THR B 45 29.34 10.89 9.03
CA THR B 45 28.43 10.07 9.85
C THR B 45 27.09 10.78 9.94
N PRO B 46 26.00 10.06 10.19
CA PRO B 46 24.73 10.71 10.48
C PRO B 46 24.84 11.63 11.72
N ALA B 47 25.66 11.23 12.69
CA ALA B 47 25.76 11.89 14.00
C ALA B 47 26.42 13.26 13.81
N SER B 48 27.54 13.29 13.06
CA SER B 48 28.33 14.51 12.78
C SER B 48 27.56 15.39 11.79
N CYS B 49 26.75 14.79 10.90
CA CYS B 49 26.02 15.53 9.83
C CYS B 49 24.76 16.19 10.40
N ALA B 50 24.10 15.59 11.38
CA ALA B 50 23.07 16.27 12.21
C ALA B 50 23.70 17.48 12.89
N GLN B 51 24.75 17.25 13.68
CA GLN B 51 25.52 18.30 14.37
C GLN B 51 25.89 19.42 13.40
N GLN B 52 26.16 19.11 12.12
CA GLN B 52 26.68 20.10 11.14
C GLN B 52 25.53 20.90 10.51
N ALA B 53 24.44 20.23 10.16
CA ALA B 53 23.20 20.87 9.68
C ALA B 53 22.72 21.84 10.74
N GLN B 54 22.70 21.39 11.98
CA GLN B 54 22.44 22.21 13.19
C GLN B 54 23.30 23.48 13.18
N ASN B 55 24.62 23.32 13.03
CA ASN B 55 25.62 24.41 13.00
C ASN B 55 25.29 25.34 11.85
N VAL B 56 24.89 24.85 10.69
CA VAL B 56 24.63 25.74 9.52
C VAL B 56 23.43 26.62 9.87
N GLN B 57 22.33 26.00 10.29
CA GLN B 57 21.08 26.75 10.61
C GLN B 57 21.34 27.80 11.73
N SER B 58 22.18 27.46 12.71
CA SER B 58 22.53 28.35 13.84
C SER B 58 23.14 29.65 13.31
N TYR B 59 24.16 29.56 12.47
CA TYR B 59 24.76 30.72 11.77
C TYR B 59 23.61 31.49 11.10
N HIS B 60 22.84 30.84 10.26
CA HIS B 60 21.82 31.52 9.43
C HIS B 60 20.83 32.25 10.32
N VAL B 61 20.47 31.62 11.44
CA VAL B 61 19.32 32.08 12.27
C VAL B 61 19.80 33.05 13.33
N ARG B 62 20.69 32.64 14.20
CA ARG B 62 21.25 33.50 15.27
C ARG B 62 22.02 34.67 14.64
N ASN B 63 23.09 34.38 13.90
CA ASN B 63 24.05 35.40 13.43
C ASN B 63 23.41 36.24 12.30
N LEU B 64 22.89 35.62 11.24
CA LEU B 64 22.39 36.37 10.06
C LEU B 64 20.95 36.79 10.29
N GLY B 65 20.31 36.33 11.37
CA GLY B 65 18.91 36.67 11.70
C GLY B 65 17.95 36.29 10.58
N TRP B 66 18.18 35.13 9.95
CA TRP B 66 17.30 34.56 8.89
C TRP B 66 16.15 33.77 9.54
N CYS B 67 15.02 33.63 8.83
CA CYS B 67 13.79 32.90 9.29
C CYS B 67 14.02 31.39 9.45
N ASP B 68 15.06 30.85 8.82
CA ASP B 68 15.44 29.41 8.87
C ASP B 68 16.81 29.25 8.20
N VAL B 69 17.41 28.05 8.27
CA VAL B 69 18.53 27.66 7.36
C VAL B 69 18.17 28.06 5.91
N GLY B 70 19.16 28.42 5.09
CA GLY B 70 18.85 29.09 3.83
C GLY B 70 18.43 28.09 2.77
N TYR B 71 19.03 26.90 2.81
CA TYR B 71 18.90 25.91 1.74
C TYR B 71 17.59 25.14 1.94
N ASN B 72 16.89 24.86 0.84
CA ASN B 72 15.74 23.92 0.87
C ASN B 72 16.21 22.54 1.40
N PHE B 73 17.36 22.04 0.97
CA PHE B 73 17.86 20.71 1.42
C PHE B 73 19.37 20.70 1.54
N LEU B 74 19.91 19.86 2.43
CA LEU B 74 21.37 19.72 2.68
C LEU B 74 21.76 18.26 2.43
N ILE B 75 22.87 18.05 1.72
CA ILE B 75 23.42 16.69 1.48
C ILE B 75 24.64 16.45 2.35
N GLY B 76 24.66 15.39 3.15
CA GLY B 76 25.81 14.99 3.97
C GLY B 76 26.67 14.00 3.21
N GLU B 77 27.95 13.91 3.57
CA GLU B 77 28.86 12.87 3.00
C GLU B 77 28.56 11.50 3.61
N ASP B 78 27.83 11.50 4.73
CA ASP B 78 27.14 10.35 5.34
C ASP B 78 26.27 9.69 4.25
N GLY B 79 25.81 10.43 3.25
CA GLY B 79 24.98 9.88 2.16
C GLY B 79 23.50 10.12 2.34
N LEU B 80 23.10 10.90 3.35
CA LEU B 80 21.67 11.23 3.66
C LEU B 80 21.38 12.68 3.27
N VAL B 81 20.14 12.95 2.88
CA VAL B 81 19.56 14.29 2.67
C VAL B 81 18.96 14.76 3.99
N TYR B 82 19.20 16.04 4.36
CA TYR B 82 18.70 16.73 5.56
C TYR B 82 17.77 17.83 5.08
N GLU B 83 16.60 17.86 5.71
CA GLU B 83 15.46 18.73 5.35
C GLU B 83 15.81 20.13 5.86
N GLY B 84 15.85 21.09 4.95
CA GLY B 84 15.90 22.51 5.27
C GLY B 84 14.49 23.06 5.26
N ARG B 85 14.23 24.02 4.38
CA ARG B 85 12.93 24.70 4.18
C ARG B 85 11.97 23.82 3.36
N GLY B 86 12.51 22.81 2.68
CA GLY B 86 11.74 21.80 1.91
C GLY B 86 11.19 22.31 0.58
N TRP B 87 10.20 21.61 0.03
CA TRP B 87 9.75 21.81 -1.37
C TRP B 87 8.99 23.12 -1.54
N ASN B 88 8.30 23.59 -0.51
CA ASN B 88 7.17 24.56 -0.66
C ASN B 88 7.60 25.99 -0.25
N ILE B 89 8.61 26.12 0.63
CA ILE B 89 9.07 27.40 1.24
C ILE B 89 10.29 27.94 0.49
N LYS B 90 10.11 29.10 -0.15
CA LYS B 90 11.19 29.87 -0.84
C LYS B 90 12.42 29.95 0.05
N GLY B 91 13.58 29.67 -0.54
CA GLY B 91 14.87 29.64 0.18
C GLY B 91 15.59 30.98 0.18
N ALA B 92 16.77 30.97 0.77
CA ALA B 92 17.81 32.03 0.72
C ALA B 92 19.17 31.34 0.52
N HIS B 93 19.57 31.16 -0.74
CA HIS B 93 20.78 30.36 -1.08
C HIS B 93 21.42 30.89 -2.37
N ALA B 94 20.67 31.62 -3.19
CA ALA B 94 21.06 32.06 -4.56
C ALA B 94 20.64 33.52 -4.83
N GLY B 95 20.19 34.27 -3.80
CA GLY B 95 19.87 35.70 -3.89
C GLY B 95 18.46 35.94 -4.45
N PRO B 96 18.04 37.22 -4.61
CA PRO B 96 16.64 37.56 -4.92
C PRO B 96 16.07 37.12 -6.29
N THR B 97 16.92 37.04 -7.33
CA THR B 97 16.51 36.67 -8.70
C THR B 97 16.25 35.17 -8.77
N TRP B 98 16.99 34.39 -8.00
CA TRP B 98 16.94 32.91 -8.11
C TRP B 98 16.18 32.23 -6.97
N ASN B 99 16.17 32.83 -5.77
CA ASN B 99 15.54 32.28 -4.53
C ASN B 99 14.09 31.92 -4.82
N PRO B 100 13.24 32.84 -5.35
CA PRO B 100 11.83 32.53 -5.61
C PRO B 100 11.55 31.46 -6.68
N ILE B 101 12.42 31.26 -7.66
CA ILE B 101 12.10 30.41 -8.85
C ILE B 101 12.93 29.12 -8.83
N SER B 102 13.50 28.71 -7.70
CA SER B 102 14.49 27.59 -7.64
C SER B 102 14.44 26.86 -6.31
N ILE B 103 14.87 25.59 -6.32
CA ILE B 103 15.18 24.81 -5.09
C ILE B 103 16.69 24.83 -4.95
N GLY B 104 17.16 25.15 -3.75
CA GLY B 104 18.58 25.06 -3.40
C GLY B 104 18.87 23.80 -2.61
N ILE B 105 19.74 22.95 -3.14
CA ILE B 105 20.39 21.83 -2.39
C ILE B 105 21.87 22.20 -2.16
N SER B 106 22.39 21.88 -1.00
CA SER B 106 23.75 22.28 -0.59
C SER B 106 24.45 21.08 0.00
N PHE B 107 25.53 20.63 -0.65
CA PHE B 107 26.53 19.67 -0.11
C PHE B 107 27.31 20.30 1.07
N MET B 108 27.25 19.63 2.22
CA MET B 108 27.85 20.08 3.50
C MET B 108 29.37 19.86 3.49
N GLY B 109 30.11 20.97 3.32
CA GLY B 109 31.60 20.98 3.29
C GLY B 109 32.11 21.88 2.18
N ASN B 110 33.43 21.92 2.02
CA ASN B 110 34.13 22.71 0.98
C ASN B 110 34.64 21.72 -0.08
N TYR B 111 34.24 21.95 -1.33
CA TYR B 111 34.47 21.03 -2.47
C TYR B 111 35.34 21.69 -3.55
N MET B 112 36.14 22.69 -3.18
CA MET B 112 37.19 23.23 -4.09
C MET B 112 38.21 22.14 -4.41
N ASN B 113 38.68 21.39 -3.40
CA ASN B 113 39.86 20.49 -3.54
C ASN B 113 39.54 19.10 -3.02
N ARG B 114 38.26 18.71 -3.05
CA ARG B 114 37.77 17.34 -2.69
C ARG B 114 36.45 17.14 -3.42
N VAL B 115 36.16 15.94 -3.88
CA VAL B 115 34.80 15.59 -4.41
C VAL B 115 33.99 15.03 -3.24
N PRO B 116 32.65 15.16 -3.29
CA PRO B 116 31.79 14.39 -2.41
C PRO B 116 31.85 12.92 -2.81
N PRO B 117 31.69 11.98 -1.85
CA PRO B 117 31.63 10.55 -2.18
C PRO B 117 30.37 10.22 -2.96
N PRO B 118 30.33 9.12 -3.75
CA PRO B 118 29.17 8.81 -4.59
C PRO B 118 27.82 8.75 -3.87
N ARG B 119 27.76 8.20 -2.64
CA ARG B 119 26.49 8.08 -1.85
C ARG B 119 25.85 9.46 -1.64
N ALA B 120 26.68 10.52 -1.48
CA ALA B 120 26.25 11.94 -1.37
C ALA B 120 25.68 12.39 -2.72
N LEU B 121 26.38 12.09 -3.83
CA LEU B 121 25.98 12.35 -5.25
C LEU B 121 24.72 11.55 -5.57
N ARG B 122 24.62 10.33 -5.02
CA ARG B 122 23.46 9.43 -5.23
C ARG B 122 22.23 10.06 -4.54
N ALA B 123 22.37 10.30 -3.24
CA ALA B 123 21.36 10.95 -2.37
C ALA B 123 20.74 12.13 -3.12
N ALA B 124 21.58 12.98 -3.73
CA ALA B 124 21.17 14.27 -4.35
C ALA B 124 20.24 13.97 -5.51
N GLN B 125 20.70 13.11 -6.42
CA GLN B 125 20.00 12.72 -7.66
C GLN B 125 18.65 12.09 -7.30
N ASN B 126 18.63 11.19 -6.30
CA ASN B 126 17.42 10.51 -5.76
C ASN B 126 16.51 11.56 -5.10
N LEU B 127 17.08 12.49 -4.32
CA LEU B 127 16.32 13.65 -3.78
C LEU B 127 15.60 14.35 -4.94
N LEU B 128 16.31 14.59 -6.03
CA LEU B 128 15.80 15.35 -7.20
C LEU B 128 14.64 14.61 -7.88
N ALA B 129 14.74 13.30 -7.99
CA ALA B 129 13.71 12.43 -8.58
C ALA B 129 12.45 12.49 -7.70
N CYS B 130 12.61 12.27 -6.38
CA CYS B 130 11.54 12.31 -5.32
C CYS B 130 11.00 13.73 -5.21
N GLY B 131 11.25 14.58 -6.19
CA GLY B 131 10.78 15.97 -6.23
C GLY B 131 9.87 16.21 -7.41
N VAL B 132 10.07 15.46 -8.49
CA VAL B 132 9.21 15.48 -9.70
C VAL B 132 7.96 14.69 -9.32
N ALA B 133 8.20 13.49 -8.78
CA ALA B 133 7.20 12.52 -8.27
C ALA B 133 6.12 13.28 -7.49
N LEU B 134 6.49 14.19 -6.59
CA LEU B 134 5.51 14.87 -5.69
C LEU B 134 5.05 16.14 -6.40
N GLY B 135 5.69 16.54 -7.51
CA GLY B 135 5.25 17.67 -8.32
C GLY B 135 5.81 19.01 -7.85
N ALA B 136 6.83 18.95 -6.97
CA ALA B 136 7.65 20.09 -6.46
C ALA B 136 8.55 20.59 -7.60
N LEU B 137 9.17 19.64 -8.28
CA LEU B 137 9.99 19.91 -9.49
C LEU B 137 9.21 19.57 -10.75
N ARG B 138 9.51 20.34 -11.81
CA ARG B 138 9.12 20.02 -13.20
C ARG B 138 9.81 18.74 -13.63
N SER B 139 9.24 18.08 -14.63
CA SER B 139 9.80 16.87 -15.28
C SER B 139 11.14 17.27 -15.91
N ASN B 140 11.15 18.44 -16.55
CA ASN B 140 12.26 18.95 -17.39
C ASN B 140 13.04 20.02 -16.60
N TYR B 141 13.31 19.77 -15.33
CA TYR B 141 13.94 20.76 -14.42
C TYR B 141 15.42 20.97 -14.84
N GLU B 142 15.92 22.19 -14.65
CA GLU B 142 17.29 22.58 -15.06
C GLU B 142 18.16 22.74 -13.82
N VAL B 143 19.34 22.15 -13.79
CA VAL B 143 20.29 22.20 -12.65
C VAL B 143 21.38 23.25 -12.94
N LYS B 144 21.51 24.26 -12.07
CA LYS B 144 22.46 25.38 -12.18
C LYS B 144 23.46 25.21 -11.05
N GLY B 145 24.74 25.48 -11.29
CA GLY B 145 25.71 25.71 -10.20
C GLY B 145 25.41 27.03 -9.49
N HIS B 146 25.71 27.13 -8.20
CA HIS B 146 25.67 28.42 -7.46
C HIS B 146 26.44 29.50 -8.23
N ARG B 147 27.67 29.22 -8.67
CA ARG B 147 28.47 30.23 -9.41
C ARG B 147 27.79 30.62 -10.73
N ASP B 148 26.95 29.78 -11.32
CA ASP B 148 26.26 30.09 -12.61
C ASP B 148 25.19 31.20 -12.48
N VAL B 149 24.76 31.51 -11.26
CA VAL B 149 23.67 32.48 -10.98
C VAL B 149 24.14 33.55 -9.99
N GLN B 150 25.34 33.40 -9.43
CA GLN B 150 25.89 34.36 -8.43
C GLN B 150 27.40 34.36 -8.39
N PRO B 151 28.03 35.51 -8.05
CA PRO B 151 29.49 35.60 -7.97
C PRO B 151 29.96 34.86 -6.70
N THR B 152 30.39 33.62 -6.84
CA THR B 152 30.84 32.76 -5.72
C THR B 152 31.63 31.58 -6.29
N LEU B 153 32.48 30.98 -5.46
CA LEU B 153 33.22 29.75 -5.85
C LEU B 153 32.40 28.48 -5.59
N SER B 154 31.45 28.50 -4.65
CA SER B 154 30.39 27.47 -4.49
C SER B 154 29.83 27.06 -5.88
N PRO B 155 29.67 25.75 -6.15
CA PRO B 155 29.78 24.69 -5.14
C PRO B 155 31.17 24.05 -4.92
N GLY B 156 32.26 24.75 -5.23
CA GLY B 156 33.63 24.17 -5.25
C GLY B 156 34.02 23.67 -6.63
N ASP B 157 35.30 23.78 -7.00
CA ASP B 157 35.72 23.51 -8.40
C ASP B 157 35.32 22.07 -8.75
N ARG B 158 35.59 21.10 -7.84
CA ARG B 158 35.50 19.64 -8.08
C ARG B 158 34.04 19.21 -8.20
N LEU B 159 33.16 19.72 -7.33
CA LEU B 159 31.72 19.39 -7.34
C LEU B 159 31.04 20.06 -8.55
N TYR B 160 31.46 21.26 -8.90
CA TYR B 160 30.99 21.99 -10.11
C TYR B 160 31.27 21.17 -11.39
N GLU B 161 32.48 20.64 -11.54
CA GLU B 161 32.83 19.75 -12.68
C GLU B 161 31.78 18.64 -12.76
N ILE B 162 31.56 17.96 -11.64
CA ILE B 162 30.66 16.78 -11.62
C ILE B 162 29.27 17.19 -12.11
N ILE B 163 28.66 18.25 -11.58
CA ILE B 163 27.24 18.63 -11.88
C ILE B 163 27.11 19.06 -13.33
N GLN B 164 28.22 19.39 -14.00
CA GLN B 164 28.23 19.81 -15.43
C GLN B 164 27.91 18.60 -16.32
N THR B 165 28.11 17.41 -15.78
CA THR B 165 27.93 16.11 -16.49
C THR B 165 26.53 15.57 -16.21
N TRP B 166 25.77 16.16 -15.28
CA TRP B 166 24.37 15.74 -15.00
C TRP B 166 23.55 16.03 -16.25
N SER B 167 22.61 15.14 -16.55
CA SER B 167 21.76 15.18 -17.78
C SER B 167 20.97 16.49 -17.78
N HIS B 168 20.46 16.90 -16.63
CA HIS B 168 19.58 18.08 -16.48
C HIS B 168 20.39 19.38 -16.33
N TYR B 169 21.72 19.34 -16.23
CA TYR B 169 22.55 20.56 -15.96
C TYR B 169 22.47 21.53 -17.13
N ARG B 170 22.43 22.84 -16.87
CA ARG B 170 22.45 23.94 -17.90
C ARG B 170 23.29 25.14 -17.42
N ALA B 171 24.22 25.62 -18.25
CA ALA B 171 25.13 26.78 -17.98
C ALA B 171 24.36 28.10 -17.87
N CYS C 6 -14.52 -38.93 -1.86
CA CYS C 6 -14.98 -37.58 -1.44
C CYS C 6 -15.19 -36.65 -2.63
N GLY C 7 -16.00 -35.63 -2.43
CA GLY C 7 -16.11 -34.51 -3.39
C GLY C 7 -17.53 -34.39 -3.94
N SER C 8 -17.77 -34.79 -5.22
CA SER C 8 -16.75 -35.10 -6.22
C SER C 8 -16.30 -33.80 -6.90
N ILE C 9 -15.05 -33.45 -6.59
CA ILE C 9 -14.48 -32.10 -6.80
C ILE C 9 -13.62 -32.18 -8.04
N VAL C 10 -13.85 -31.22 -8.92
CA VAL C 10 -13.04 -30.95 -10.15
C VAL C 10 -11.75 -30.25 -9.68
N PRO C 11 -10.56 -30.89 -9.82
CA PRO C 11 -9.33 -30.30 -9.31
C PRO C 11 -8.91 -29.07 -10.12
N ARG C 12 -8.08 -28.22 -9.55
CA ARG C 12 -7.60 -26.98 -10.25
C ARG C 12 -7.10 -27.33 -11.65
N ARG C 13 -6.17 -28.27 -11.72
CA ARG C 13 -5.54 -28.72 -12.97
C ARG C 13 -6.64 -29.01 -13.99
N GLU C 14 -7.75 -29.59 -13.57
CA GLU C 14 -8.80 -30.02 -14.54
C GLU C 14 -9.53 -28.79 -15.08
N TRP C 15 -9.74 -27.73 -14.28
CA TRP C 15 -10.46 -26.52 -14.80
C TRP C 15 -9.46 -25.50 -15.33
N ARG C 16 -8.19 -25.90 -15.30
CA ARG C 16 -7.04 -25.25 -15.95
C ARG C 16 -6.85 -23.94 -15.21
N ALA C 17 -6.67 -24.05 -13.91
CA ALA C 17 -6.47 -22.87 -13.04
C ALA C 17 -5.04 -22.41 -13.16
N LEU C 18 -4.82 -21.10 -13.02
CA LEU C 18 -3.50 -20.48 -12.80
C LEU C 18 -3.01 -20.96 -11.44
N ALA C 19 -1.69 -21.01 -11.26
CA ALA C 19 -1.05 -21.35 -9.98
C ALA C 19 -1.46 -20.35 -8.90
N SER C 20 -2.08 -20.83 -7.83
CA SER C 20 -2.23 -20.07 -6.56
C SER C 20 -0.86 -19.54 -6.11
N GLU C 21 -0.81 -18.34 -5.55
CA GLU C 21 0.38 -17.83 -4.87
C GLU C 21 0.06 -17.69 -3.35
N CYS C 22 -1.06 -18.26 -2.88
CA CYS C 22 -1.56 -18.04 -1.48
C CYS C 22 -0.83 -18.99 -0.55
N ARG C 23 -0.60 -18.57 0.69
CA ARG C 23 0.23 -19.32 1.68
C ARG C 23 -0.38 -19.31 3.09
N GLU C 24 -1.33 -18.43 3.43
CA GLU C 24 -1.96 -18.45 4.78
C GLU C 24 -2.90 -19.66 4.86
N ARG C 25 -2.75 -20.45 5.93
CA ARG C 25 -3.52 -21.70 6.17
C ARG C 25 -4.72 -21.43 7.09
N LEU C 26 -5.82 -22.12 6.87
CA LEU C 26 -6.93 -22.21 7.83
C LEU C 26 -6.52 -23.22 8.89
N THR C 27 -6.92 -23.02 10.15
CA THR C 27 -6.81 -24.05 11.22
C THR C 27 -7.99 -24.99 11.04
N ARG C 28 -7.79 -26.30 10.87
CA ARG C 28 -8.94 -27.26 10.84
C ARG C 28 -9.06 -27.92 12.22
N PRO C 29 -10.29 -28.33 12.68
CA PRO C 29 -11.53 -28.21 11.91
C PRO C 29 -12.12 -26.79 11.95
N VAL C 30 -12.47 -26.28 10.77
CA VAL C 30 -13.05 -24.93 10.56
C VAL C 30 -14.50 -24.93 11.04
N ARG C 31 -14.91 -23.87 11.73
CA ARG C 31 -16.23 -23.75 12.43
C ARG C 31 -17.35 -23.28 11.48
N TYR C 32 -17.09 -22.38 10.51
CA TYR C 32 -18.12 -21.68 9.72
C TYR C 32 -17.96 -21.96 8.22
N VAL C 33 -19.07 -21.91 7.50
CA VAL C 33 -19.11 -21.90 6.01
C VAL C 33 -19.90 -20.65 5.59
N VAL C 34 -19.40 -19.86 4.65
CA VAL C 34 -20.08 -18.65 4.15
C VAL C 34 -20.47 -18.83 2.68
N VAL C 35 -21.77 -18.74 2.42
CA VAL C 35 -22.34 -19.02 1.06
C VAL C 35 -22.57 -17.72 0.32
N SER C 36 -21.97 -17.61 -0.86
CA SER C 36 -21.90 -16.43 -1.75
C SER C 36 -22.28 -16.83 -3.16
N HIS C 37 -22.54 -15.87 -4.03
CA HIS C 37 -22.74 -16.14 -5.48
C HIS C 37 -21.72 -15.27 -6.20
N THR C 38 -21.41 -15.61 -7.44
CA THR C 38 -20.40 -14.86 -8.24
C THR C 38 -21.06 -13.56 -8.74
N ALA C 39 -22.38 -13.45 -8.57
CA ALA C 39 -23.23 -12.36 -9.06
C ALA C 39 -23.17 -12.30 -10.58
N GLY C 40 -22.55 -13.31 -11.20
CA GLY C 40 -22.15 -13.35 -12.62
C GLY C 40 -23.02 -14.29 -13.44
N SER C 41 -22.52 -14.72 -14.59
CA SER C 41 -23.25 -15.63 -15.52
C SER C 41 -23.17 -17.03 -14.92
N HIS C 42 -24.21 -17.80 -15.13
CA HIS C 42 -24.24 -19.21 -14.70
C HIS C 42 -23.82 -20.14 -15.86
N CYS C 43 -23.85 -21.45 -15.63
CA CYS C 43 -23.23 -22.47 -16.51
C CYS C 43 -23.73 -23.86 -16.11
N ASP C 44 -24.16 -24.67 -17.09
CA ASP C 44 -24.91 -25.94 -16.87
C ASP C 44 -24.13 -27.08 -17.52
N THR C 45 -22.81 -26.91 -17.65
CA THR C 45 -21.95 -27.77 -18.50
C THR C 45 -20.53 -27.77 -17.97
N PRO C 46 -19.93 -28.96 -17.72
CA PRO C 46 -18.57 -29.04 -17.26
C PRO C 46 -17.64 -28.20 -18.15
N ALA C 47 -17.87 -28.19 -19.47
CA ALA C 47 -17.05 -27.40 -20.46
C ALA C 47 -17.16 -25.90 -20.16
N SER C 48 -18.38 -25.39 -19.97
CA SER C 48 -18.70 -23.96 -19.80
C SER C 48 -18.42 -23.56 -18.35
N CYS C 49 -18.53 -24.50 -17.41
CA CYS C 49 -18.33 -24.24 -15.96
C CYS C 49 -16.86 -24.19 -15.63
N ALA C 50 -16.05 -25.05 -16.25
CA ALA C 50 -14.57 -24.90 -16.14
C ALA C 50 -14.14 -23.51 -16.66
N GLN C 51 -14.71 -23.07 -17.78
CA GLN C 51 -14.48 -21.74 -18.42
C GLN C 51 -14.91 -20.65 -17.45
N GLN C 52 -16.03 -20.86 -16.73
CA GLN C 52 -16.59 -19.83 -15.81
C GLN C 52 -15.65 -19.74 -14.61
N ALA C 53 -15.29 -20.88 -14.03
CA ALA C 53 -14.26 -20.97 -12.96
C ALA C 53 -12.98 -20.27 -13.43
N GLN C 54 -12.63 -20.43 -14.70
CA GLN C 54 -11.44 -19.79 -15.31
C GLN C 54 -11.62 -18.27 -15.29
N ASN C 55 -12.76 -17.80 -15.81
CA ASN C 55 -13.09 -16.36 -15.81
C ASN C 55 -13.09 -15.83 -14.37
N VAL C 56 -13.70 -16.55 -13.43
CA VAL C 56 -13.80 -16.01 -12.04
C VAL C 56 -12.38 -15.81 -11.53
N GLN C 57 -11.50 -16.82 -11.63
CA GLN C 57 -10.12 -16.69 -11.09
C GLN C 57 -9.46 -15.49 -11.77
N SER C 58 -9.67 -15.36 -13.09
CA SER C 58 -9.10 -14.29 -13.97
C SER C 58 -9.41 -12.93 -13.36
N TYR C 59 -10.66 -12.73 -12.92
CA TYR C 59 -11.13 -11.44 -12.34
C TYR C 59 -10.32 -11.19 -11.07
N HIS C 60 -10.28 -12.14 -10.14
CA HIS C 60 -9.62 -11.96 -8.81
C HIS C 60 -8.13 -11.76 -9.02
N VAL C 61 -7.52 -12.51 -9.93
CA VAL C 61 -6.02 -12.57 -9.97
C VAL C 61 -5.53 -11.44 -10.87
N ARG C 62 -6.08 -11.30 -12.08
CA ARG C 62 -5.59 -10.33 -13.10
C ARG C 62 -6.13 -8.92 -12.85
N ASN C 63 -7.42 -8.75 -12.52
CA ASN C 63 -8.01 -7.43 -12.18
C ASN C 63 -7.64 -7.06 -10.76
N LEU C 64 -8.12 -7.82 -9.77
CA LEU C 64 -7.99 -7.40 -8.35
C LEU C 64 -6.58 -7.65 -7.85
N GLY C 65 -5.72 -8.32 -8.61
CA GLY C 65 -4.32 -8.62 -8.20
C GLY C 65 -4.23 -9.56 -7.00
N TRP C 66 -5.13 -10.55 -6.89
CA TRP C 66 -5.24 -11.46 -5.72
C TRP C 66 -4.35 -12.70 -5.93
N CYS C 67 -3.86 -13.30 -4.84
CA CYS C 67 -2.96 -14.49 -4.88
C CYS C 67 -3.65 -15.68 -5.57
N ASP C 68 -5.00 -15.66 -5.66
CA ASP C 68 -5.83 -16.75 -6.24
C ASP C 68 -7.29 -16.34 -6.19
N VAL C 69 -8.16 -17.06 -6.88
CA VAL C 69 -9.63 -16.99 -6.68
C VAL C 69 -9.91 -16.99 -5.18
N GLY C 70 -10.81 -16.11 -4.74
CA GLY C 70 -10.97 -15.77 -3.32
C GLY C 70 -11.72 -16.88 -2.57
N TYR C 71 -12.56 -17.65 -3.29
CA TYR C 71 -13.43 -18.72 -2.73
C TYR C 71 -12.67 -20.04 -2.46
N ASN C 72 -12.96 -20.74 -1.35
CA ASN C 72 -12.37 -22.07 -1.06
C ASN C 72 -12.90 -23.11 -2.03
N PHE C 73 -14.20 -23.06 -2.34
CA PHE C 73 -14.85 -23.84 -3.43
C PHE C 73 -15.84 -22.97 -4.23
N LEU C 74 -16.18 -23.45 -5.44
CA LEU C 74 -17.23 -22.90 -6.34
C LEU C 74 -18.16 -24.03 -6.79
N ILE C 75 -19.46 -23.72 -6.88
CA ILE C 75 -20.54 -24.66 -7.29
C ILE C 75 -21.08 -24.22 -8.64
N GLY C 76 -21.02 -25.10 -9.62
CA GLY C 76 -21.65 -24.87 -10.93
C GLY C 76 -23.06 -25.40 -10.89
N GLU C 77 -23.89 -24.90 -11.80
CA GLU C 77 -25.23 -25.46 -12.04
C GLU C 77 -25.11 -26.72 -12.89
N ASP C 78 -23.87 -27.08 -13.26
CA ASP C 78 -23.52 -28.36 -13.92
C ASP C 78 -23.51 -29.47 -12.88
N GLY C 79 -23.86 -29.19 -11.63
CA GLY C 79 -23.86 -30.19 -10.53
C GLY C 79 -22.50 -30.48 -9.89
N LEU C 80 -21.38 -29.98 -10.43
CA LEU C 80 -20.00 -30.33 -9.99
C LEU C 80 -19.46 -29.25 -9.08
N VAL C 81 -18.59 -29.59 -8.14
CA VAL C 81 -17.81 -28.64 -7.32
C VAL C 81 -16.43 -28.42 -7.97
N TYR C 82 -15.89 -27.19 -7.89
CA TYR C 82 -14.63 -26.71 -8.51
C TYR C 82 -13.71 -26.27 -7.38
N GLU C 83 -12.52 -26.84 -7.29
CA GLU C 83 -11.54 -26.57 -6.21
C GLU C 83 -11.05 -25.12 -6.38
N GLY C 84 -11.28 -24.27 -5.38
CA GLY C 84 -10.62 -22.97 -5.30
C GLY C 84 -9.39 -23.13 -4.47
N ARG C 85 -9.27 -22.37 -3.39
CA ARG C 85 -8.14 -22.49 -2.45
C ARG C 85 -8.26 -23.80 -1.64
N GLY C 86 -9.39 -24.48 -1.71
CA GLY C 86 -9.55 -25.76 -0.99
C GLY C 86 -9.71 -25.58 0.51
N TRP C 87 -9.41 -26.64 1.26
CA TRP C 87 -9.81 -26.87 2.67
C TRP C 87 -8.83 -26.20 3.60
N ASN C 88 -7.59 -26.00 3.16
CA ASN C 88 -6.46 -25.66 4.06
C ASN C 88 -5.99 -24.22 3.85
N ILE C 89 -6.43 -23.49 2.82
CA ILE C 89 -5.94 -22.10 2.58
C ILE C 89 -7.05 -21.09 2.84
N LYS C 90 -6.75 -20.12 3.71
CA LYS C 90 -7.63 -18.97 4.01
C LYS C 90 -8.10 -18.30 2.71
N GLY C 91 -9.40 -18.18 2.55
CA GLY C 91 -9.97 -17.54 1.37
C GLY C 91 -9.95 -16.06 1.53
N ALA C 92 -10.45 -15.36 0.54
CA ALA C 92 -10.72 -13.90 0.54
C ALA C 92 -12.15 -13.72 0.05
N HIS C 93 -13.14 -13.98 0.91
CA HIS C 93 -14.56 -14.06 0.51
C HIS C 93 -15.50 -13.37 1.51
N ALA C 94 -15.06 -12.96 2.72
CA ALA C 94 -16.01 -12.32 3.69
C ALA C 94 -15.31 -11.38 4.72
N GLY C 95 -14.15 -10.86 4.35
CA GLY C 95 -13.46 -9.81 5.11
C GLY C 95 -12.54 -10.41 6.17
N PRO C 96 -11.78 -9.56 6.89
CA PRO C 96 -10.68 -10.01 7.72
C PRO C 96 -11.08 -10.68 9.03
N THR C 97 -12.36 -10.57 9.38
CA THR C 97 -12.94 -11.23 10.58
C THR C 97 -13.33 -12.69 10.27
N TRP C 98 -13.90 -12.96 9.08
CA TRP C 98 -14.57 -14.25 8.72
C TRP C 98 -13.66 -15.15 7.88
N ASN C 99 -12.87 -14.56 7.00
CA ASN C 99 -11.90 -15.27 6.12
C ASN C 99 -11.09 -16.27 6.96
N PRO C 100 -10.42 -15.88 8.06
CA PRO C 100 -9.56 -16.80 8.79
C PRO C 100 -10.24 -17.95 9.53
N ILE C 101 -11.57 -17.95 9.66
CA ILE C 101 -12.31 -18.90 10.55
C ILE C 101 -13.37 -19.66 9.72
N SER C 102 -13.33 -19.59 8.39
CA SER C 102 -14.47 -20.06 7.59
C SER C 102 -14.03 -20.61 6.24
N ILE C 103 -14.97 -21.30 5.61
CA ILE C 103 -14.82 -21.88 4.26
C ILE C 103 -15.79 -21.07 3.42
N GLY C 104 -15.28 -20.43 2.37
CA GLY C 104 -16.11 -19.73 1.37
C GLY C 104 -16.47 -20.61 0.16
N ILE C 105 -17.70 -21.10 0.12
CA ILE C 105 -18.25 -21.74 -1.11
C ILE C 105 -19.12 -20.71 -1.83
N SER C 106 -19.10 -20.68 -3.16
CA SER C 106 -19.77 -19.67 -4.02
C SER C 106 -20.44 -20.36 -5.20
N PHE C 107 -21.69 -19.99 -5.44
CA PHE C 107 -22.52 -20.50 -6.55
C PHE C 107 -22.21 -19.64 -7.77
N MET C 108 -21.77 -20.27 -8.85
CA MET C 108 -21.48 -19.56 -10.10
C MET C 108 -22.78 -19.20 -10.79
N GLY C 109 -23.18 -17.94 -10.59
CA GLY C 109 -24.38 -17.31 -11.17
C GLY C 109 -24.93 -16.25 -10.25
N ASN C 110 -26.09 -15.70 -10.61
CA ASN C 110 -26.82 -14.65 -9.84
C ASN C 110 -28.17 -15.19 -9.36
N TYR C 111 -28.34 -15.37 -8.05
CA TYR C 111 -29.46 -16.12 -7.41
C TYR C 111 -30.37 -15.11 -6.71
N MET C 112 -30.53 -13.97 -7.40
CA MET C 112 -31.46 -12.86 -7.04
C MET C 112 -32.87 -13.22 -7.54
N ASN C 113 -33.00 -13.60 -8.81
CA ASN C 113 -34.31 -13.80 -9.49
C ASN C 113 -34.54 -15.28 -9.79
N ARG C 114 -33.51 -16.12 -9.67
CA ARG C 114 -33.60 -17.59 -9.94
C ARG C 114 -33.03 -18.37 -8.76
N VAL C 115 -33.54 -19.58 -8.52
CA VAL C 115 -32.89 -20.53 -7.60
C VAL C 115 -31.79 -21.26 -8.36
N PRO C 116 -30.81 -21.87 -7.66
CA PRO C 116 -29.88 -22.78 -8.31
C PRO C 116 -30.67 -24.08 -8.49
N PRO C 117 -30.36 -24.88 -9.51
CA PRO C 117 -31.09 -26.14 -9.68
C PRO C 117 -30.74 -27.10 -8.55
N PRO C 118 -31.62 -28.07 -8.25
CA PRO C 118 -31.41 -29.02 -7.15
C PRO C 118 -29.97 -29.57 -7.08
N ARG C 119 -29.44 -29.95 -8.24
CA ARG C 119 -28.17 -30.73 -8.35
C ARG C 119 -27.00 -29.89 -7.89
N ALA C 120 -27.10 -28.55 -7.98
CA ALA C 120 -26.09 -27.60 -7.46
C ALA C 120 -26.23 -27.49 -5.93
N LEU C 121 -27.46 -27.47 -5.42
CA LEU C 121 -27.70 -27.47 -3.96
C LEU C 121 -27.16 -28.79 -3.42
N ARG C 122 -27.36 -29.89 -4.14
CA ARG C 122 -26.83 -31.21 -3.70
C ARG C 122 -25.29 -31.16 -3.68
N ALA C 123 -24.65 -30.70 -4.74
CA ALA C 123 -23.18 -30.59 -4.83
C ALA C 123 -22.66 -29.89 -3.57
N ALA C 124 -23.29 -28.77 -3.20
CA ALA C 124 -23.00 -27.95 -2.00
C ALA C 124 -23.21 -28.75 -0.71
N GLN C 125 -24.37 -29.36 -0.53
CA GLN C 125 -24.62 -30.18 0.69
C GLN C 125 -23.59 -31.32 0.73
N ASN C 126 -23.30 -32.00 -0.38
CA ASN C 126 -22.41 -33.19 -0.36
C ASN C 126 -20.96 -32.76 -0.12
N LEU C 127 -20.55 -31.61 -0.63
CA LEU C 127 -19.24 -31.01 -0.33
C LEU C 127 -19.03 -30.80 1.17
N LEU C 128 -20.02 -30.27 1.86
CA LEU C 128 -19.95 -30.03 3.33
C LEU C 128 -19.85 -31.35 4.11
N ALA C 129 -20.59 -32.38 3.72
CA ALA C 129 -20.49 -33.73 4.32
C ALA C 129 -19.05 -34.24 4.18
N CYS C 130 -18.56 -34.29 2.94
CA CYS C 130 -17.15 -34.58 2.57
C CYS C 130 -16.25 -33.83 3.57
N GLY C 131 -16.47 -32.52 3.75
CA GLY C 131 -15.62 -31.68 4.60
C GLY C 131 -15.64 -32.15 6.04
N VAL C 132 -16.79 -32.57 6.53
CA VAL C 132 -16.95 -33.05 7.92
C VAL C 132 -16.24 -34.41 8.04
N ALA C 133 -16.47 -35.31 7.08
CA ALA C 133 -15.88 -36.66 7.06
C ALA C 133 -14.36 -36.55 7.17
N LEU C 134 -13.76 -35.57 6.47
CA LEU C 134 -12.29 -35.37 6.39
C LEU C 134 -11.76 -34.68 7.65
N GLY C 135 -12.59 -34.06 8.47
CA GLY C 135 -12.13 -33.26 9.63
C GLY C 135 -11.71 -31.82 9.27
N ALA C 136 -11.99 -31.37 8.03
CA ALA C 136 -11.78 -29.98 7.54
C ALA C 136 -12.84 -29.05 8.17
N LEU C 137 -14.05 -29.56 8.33
CA LEU C 137 -15.18 -28.87 9.00
C LEU C 137 -15.50 -29.57 10.32
N ARG C 138 -15.95 -28.81 11.31
CA ARG C 138 -16.52 -29.36 12.58
C ARG C 138 -17.87 -29.98 12.27
N SER C 139 -18.19 -31.15 12.82
CA SER C 139 -19.53 -31.78 12.66
C SER C 139 -20.65 -30.75 12.94
N ASN C 140 -20.47 -29.94 13.98
CA ASN C 140 -21.43 -28.88 14.37
C ASN C 140 -21.09 -27.53 13.72
N TYR C 141 -20.69 -27.53 12.43
CA TYR C 141 -20.38 -26.28 11.67
C TYR C 141 -21.66 -25.47 11.47
N GLU C 142 -21.50 -24.15 11.51
CA GLU C 142 -22.59 -23.16 11.34
C GLU C 142 -22.41 -22.57 9.94
N VAL C 143 -23.49 -22.56 9.16
CA VAL C 143 -23.57 -21.98 7.80
C VAL C 143 -24.11 -20.58 7.94
N LYS C 144 -23.46 -19.61 7.32
CA LYS C 144 -23.86 -18.18 7.21
C LYS C 144 -24.03 -17.82 5.74
N GLY C 145 -25.00 -16.97 5.44
CA GLY C 145 -25.06 -16.24 4.16
C GLY C 145 -24.01 -15.15 4.08
N HIS C 146 -23.60 -14.79 2.87
CA HIS C 146 -22.63 -13.68 2.63
C HIS C 146 -23.16 -12.37 3.22
N ARG C 147 -24.46 -12.11 3.09
CA ARG C 147 -25.07 -10.85 3.58
C ARG C 147 -25.17 -10.85 5.12
N ASP C 148 -25.04 -12.01 5.76
CA ASP C 148 -25.08 -12.11 7.24
C ASP C 148 -23.77 -11.60 7.86
N VAL C 149 -22.70 -11.45 7.11
CA VAL C 149 -21.39 -11.04 7.68
C VAL C 149 -20.83 -9.88 6.89
N GLN C 150 -21.40 -9.55 5.74
CA GLN C 150 -20.88 -8.46 4.86
C GLN C 150 -22.04 -7.78 4.13
N PRO C 151 -21.96 -6.43 3.96
CA PRO C 151 -22.94 -5.67 3.20
C PRO C 151 -22.85 -5.99 1.70
N THR C 152 -23.77 -6.85 1.27
CA THR C 152 -23.89 -7.36 -0.12
C THR C 152 -25.27 -8.01 -0.27
N LEU C 153 -25.67 -8.28 -1.51
CA LEU C 153 -26.92 -8.99 -1.88
C LEU C 153 -26.63 -10.49 -1.96
N SER C 154 -25.35 -10.84 -2.18
CA SER C 154 -24.81 -12.22 -2.08
C SER C 154 -25.44 -12.91 -0.86
N PRO C 155 -25.88 -14.17 -0.96
CA PRO C 155 -25.70 -15.01 -2.14
C PRO C 155 -26.90 -15.00 -3.08
N GLY C 156 -27.67 -13.91 -3.07
CA GLY C 156 -28.93 -13.83 -3.84
C GLY C 156 -30.14 -14.08 -2.97
N ASP C 157 -31.32 -13.58 -3.38
CA ASP C 157 -32.56 -13.55 -2.57
C ASP C 157 -33.11 -14.97 -2.43
N ARG C 158 -33.24 -15.69 -3.55
CA ARG C 158 -33.82 -17.06 -3.60
C ARG C 158 -32.90 -18.05 -2.89
N LEU C 159 -31.59 -17.99 -3.16
CA LEU C 159 -30.57 -18.85 -2.56
C LEU C 159 -30.46 -18.53 -1.05
N TYR C 160 -30.65 -17.27 -0.67
CA TYR C 160 -30.60 -16.88 0.75
C TYR C 160 -31.85 -17.44 1.45
N GLU C 161 -32.98 -17.47 0.72
CA GLU C 161 -34.24 -18.04 1.27
C GLU C 161 -33.97 -19.52 1.55
N ILE C 162 -33.28 -20.23 0.64
CA ILE C 162 -33.00 -21.69 0.73
C ILE C 162 -32.08 -21.99 1.91
N ILE C 163 -30.90 -21.39 1.99
CA ILE C 163 -29.90 -21.73 3.05
C ILE C 163 -30.47 -21.41 4.44
N GLN C 164 -31.45 -20.51 4.54
CA GLN C 164 -32.06 -20.14 5.87
C GLN C 164 -32.77 -21.35 6.50
N THR C 165 -33.24 -22.27 5.64
CA THR C 165 -33.89 -23.55 5.98
C THR C 165 -32.82 -24.57 6.42
N TRP C 166 -31.59 -24.47 5.90
CA TRP C 166 -30.56 -25.52 6.04
C TRP C 166 -30.29 -25.78 7.52
N SER C 167 -30.27 -27.07 7.87
CA SER C 167 -30.14 -27.57 9.25
C SER C 167 -29.09 -26.74 9.97
N HIS C 168 -27.92 -26.57 9.34
CA HIS C 168 -26.68 -26.05 9.98
C HIS C 168 -26.68 -24.52 10.02
N TYR C 169 -27.60 -23.85 9.30
CA TYR C 169 -27.75 -22.38 9.19
C TYR C 169 -28.02 -21.77 10.56
N ARG C 170 -27.43 -20.59 10.76
CA ARG C 170 -27.49 -19.87 12.05
C ARG C 170 -27.38 -18.38 11.74
N ALA C 171 -28.49 -17.64 12.00
CA ALA C 171 -28.66 -16.20 11.72
C ALA C 171 -27.55 -15.37 12.37
N CYS D 6 -18.24 24.51 2.78
CA CYS D 6 -18.57 23.75 1.55
C CYS D 6 -19.45 22.53 1.90
N GLY D 7 -19.75 21.72 0.87
CA GLY D 7 -20.30 20.35 0.97
C GLY D 7 -21.81 20.31 0.83
N SER D 8 -22.54 21.09 1.65
CA SER D 8 -24.01 20.95 1.88
C SER D 8 -24.31 19.48 2.25
N ILE D 9 -23.69 19.04 3.34
CA ILE D 9 -23.78 17.67 3.85
C ILE D 9 -24.87 17.64 4.92
N VAL D 10 -25.75 16.64 4.84
CA VAL D 10 -26.75 16.33 5.90
C VAL D 10 -25.94 15.72 7.04
N PRO D 11 -25.69 16.37 8.20
CA PRO D 11 -24.98 15.73 9.30
C PRO D 11 -25.72 14.53 9.89
N ARG D 12 -24.99 13.72 10.67
CA ARG D 12 -25.41 12.42 11.28
C ARG D 12 -26.72 12.65 12.04
N ARG D 13 -26.65 13.50 13.05
CA ARG D 13 -27.75 13.72 14.00
C ARG D 13 -29.00 14.17 13.24
N GLU D 14 -28.88 14.61 12.00
CA GLU D 14 -30.05 15.12 11.24
C GLU D 14 -30.73 13.94 10.57
N TRP D 15 -30.01 12.91 10.13
CA TRP D 15 -30.64 11.66 9.61
C TRP D 15 -30.81 10.66 10.77
N ARG D 16 -30.62 11.11 12.01
CA ARG D 16 -31.00 10.38 13.26
C ARG D 16 -30.03 9.23 13.53
N ALA D 17 -28.82 9.31 13.00
CA ALA D 17 -27.79 8.26 13.08
C ALA D 17 -27.59 7.88 14.55
N LEU D 18 -27.40 6.60 14.81
CA LEU D 18 -26.86 6.13 16.11
C LEU D 18 -25.44 6.67 16.23
N ALA D 19 -25.00 6.91 17.47
CA ALA D 19 -23.63 7.34 17.82
C ALA D 19 -22.62 6.33 17.26
N SER D 20 -21.53 6.81 16.67
CA SER D 20 -20.41 5.99 16.16
C SER D 20 -19.61 5.46 17.35
N GLU D 21 -19.10 4.23 17.25
CA GLU D 21 -18.20 3.61 18.26
C GLU D 21 -16.81 3.48 17.65
N CYS D 22 -16.62 3.91 16.41
CA CYS D 22 -15.39 3.67 15.60
C CYS D 22 -14.22 4.47 16.16
N ARG D 23 -13.08 3.81 16.37
CA ARG D 23 -11.82 4.41 16.92
C ARG D 23 -10.85 4.78 15.78
N GLU D 24 -10.66 3.90 14.78
CA GLU D 24 -9.54 3.99 13.80
C GLU D 24 -9.69 5.15 12.80
N ARG D 25 -8.67 6.00 12.72
CA ARG D 25 -8.66 7.25 11.93
C ARG D 25 -7.89 7.05 10.62
N LEU D 26 -8.20 7.81 9.60
CA LEU D 26 -7.41 7.85 8.35
C LEU D 26 -6.29 8.90 8.51
N THR D 27 -5.33 8.88 7.58
CA THR D 27 -4.23 9.86 7.48
C THR D 27 -4.56 10.76 6.30
N ARG D 28 -4.88 12.01 6.57
CA ARG D 28 -5.08 12.96 5.45
C ARG D 28 -3.69 13.47 5.08
N PRO D 29 -3.48 13.93 3.84
CA PRO D 29 -4.51 13.90 2.80
C PRO D 29 -4.57 12.50 2.20
N VAL D 30 -5.80 12.04 1.89
CA VAL D 30 -6.12 10.66 1.40
C VAL D 30 -5.99 10.65 -0.13
N ARG D 31 -5.55 9.51 -0.67
CA ARG D 31 -5.21 9.34 -2.11
C ARG D 31 -6.40 8.79 -2.87
N TYR D 32 -7.18 7.87 -2.29
CA TYR D 32 -8.17 7.05 -3.04
C TYR D 32 -9.62 7.31 -2.57
N VAL D 33 -10.51 7.48 -3.56
CA VAL D 33 -11.97 7.40 -3.37
C VAL D 33 -12.45 6.12 -4.04
N VAL D 34 -13.20 5.29 -3.31
CA VAL D 34 -13.87 4.06 -3.87
C VAL D 34 -15.39 4.33 -3.93
N VAL D 35 -15.99 4.11 -5.09
CA VAL D 35 -17.43 4.38 -5.37
C VAL D 35 -18.19 3.05 -5.34
N SER D 36 -19.04 2.87 -4.35
CA SER D 36 -19.98 1.74 -4.28
C SER D 36 -21.39 2.25 -4.61
N HIS D 37 -22.32 1.33 -4.79
CA HIS D 37 -23.75 1.58 -4.53
C HIS D 37 -24.16 0.67 -3.36
N THR D 38 -25.25 0.98 -2.68
CA THR D 38 -25.82 0.19 -1.55
C THR D 38 -26.52 -1.05 -2.12
N ALA D 39 -26.85 -0.98 -3.42
CA ALA D 39 -27.47 -2.08 -4.19
C ALA D 39 -28.95 -2.29 -3.81
N GLY D 40 -29.44 -1.67 -2.71
CA GLY D 40 -30.85 -1.73 -2.27
C GLY D 40 -31.83 -0.81 -3.04
N SER D 41 -32.84 -0.33 -2.34
CA SER D 41 -33.82 0.65 -2.87
C SER D 41 -33.13 2.02 -2.93
N HIS D 42 -33.74 2.95 -3.65
CA HIS D 42 -33.29 4.35 -3.71
C HIS D 42 -34.31 5.26 -2.98
N CYS D 43 -34.09 6.56 -3.07
CA CYS D 43 -34.89 7.57 -2.36
C CYS D 43 -34.67 8.88 -3.11
N ASP D 44 -35.71 9.72 -3.24
CA ASP D 44 -35.59 11.00 -3.97
C ASP D 44 -36.25 12.13 -3.17
N THR D 45 -36.21 12.05 -1.83
CA THR D 45 -36.70 13.11 -0.92
C THR D 45 -35.91 13.13 0.39
N PRO D 46 -35.70 14.32 0.97
CA PRO D 46 -34.94 14.45 2.20
C PRO D 46 -35.37 13.47 3.27
N ALA D 47 -36.68 13.26 3.36
CA ALA D 47 -37.37 12.38 4.35
C ALA D 47 -37.05 10.89 4.10
N SER D 48 -37.23 10.45 2.84
CA SER D 48 -37.01 9.05 2.39
C SER D 48 -35.52 8.69 2.45
N CYS D 49 -34.62 9.58 1.99
CA CYS D 49 -33.14 9.36 2.03
C CYS D 49 -32.62 9.40 3.48
N ALA D 50 -33.10 10.26 4.36
CA ALA D 50 -32.75 10.21 5.79
C ALA D 50 -33.17 8.86 6.39
N GLN D 51 -34.26 8.31 5.87
CA GLN D 51 -34.77 6.96 6.26
C GLN D 51 -33.79 5.91 5.72
N GLN D 52 -33.57 5.92 4.41
CA GLN D 52 -32.66 5.01 3.70
C GLN D 52 -31.36 4.91 4.48
N ALA D 53 -30.75 6.03 4.85
CA ALA D 53 -29.43 6.08 5.50
C ALA D 53 -29.49 5.43 6.88
N GLN D 54 -30.55 5.72 7.63
CA GLN D 54 -30.86 5.12 8.95
C GLN D 54 -30.93 3.58 8.80
N ASN D 55 -31.51 3.07 7.70
CA ASN D 55 -31.72 1.62 7.45
C ASN D 55 -30.36 0.92 7.32
N VAL D 56 -29.62 1.34 6.31
CA VAL D 56 -28.23 0.93 6.00
C VAL D 56 -27.42 0.91 7.30
N GLN D 57 -27.41 2.01 8.05
CA GLN D 57 -26.68 2.04 9.34
C GLN D 57 -27.17 0.90 10.25
N SER D 58 -28.49 0.71 10.35
CA SER D 58 -29.12 -0.33 11.20
C SER D 58 -28.54 -1.69 10.80
N TYR D 59 -28.57 -1.99 9.50
CA TYR D 59 -27.97 -3.20 8.86
C TYR D 59 -26.52 -3.37 9.31
N HIS D 60 -25.67 -2.35 9.08
CA HIS D 60 -24.22 -2.47 9.27
C HIS D 60 -23.89 -2.63 10.76
N VAL D 61 -24.69 -2.02 11.64
CA VAL D 61 -24.34 -1.84 13.09
C VAL D 61 -25.06 -2.88 13.94
N ARG D 62 -26.36 -3.10 13.67
CA ARG D 62 -27.18 -4.14 14.36
C ARG D 62 -26.86 -5.53 13.82
N ASN D 63 -27.10 -5.85 12.54
CA ASN D 63 -26.84 -7.23 12.01
C ASN D 63 -25.34 -7.57 12.02
N LEU D 64 -24.49 -6.75 11.38
CA LEU D 64 -23.07 -7.13 11.11
C LEU D 64 -22.20 -6.78 12.29
N GLY D 65 -22.73 -6.02 13.25
CA GLY D 65 -22.05 -5.73 14.54
C GLY D 65 -20.95 -4.71 14.39
N TRP D 66 -20.95 -3.93 13.29
CA TRP D 66 -19.92 -2.88 13.00
C TRP D 66 -20.11 -1.65 13.88
N CYS D 67 -19.04 -0.90 14.10
CA CYS D 67 -19.00 0.26 15.00
C CYS D 67 -19.86 1.42 14.47
N ASP D 68 -20.19 1.44 13.18
CA ASP D 68 -20.94 2.53 12.49
C ASP D 68 -21.22 2.11 11.07
N VAL D 69 -22.07 2.84 10.36
CA VAL D 69 -22.30 2.58 8.91
C VAL D 69 -20.92 2.49 8.24
N GLY D 70 -20.78 1.58 7.29
CA GLY D 70 -19.50 1.29 6.61
C GLY D 70 -18.95 2.47 5.82
N TYR D 71 -19.81 3.18 5.08
CA TYR D 71 -19.41 4.22 4.08
C TYR D 71 -19.06 5.49 4.82
N ASN D 72 -18.05 6.22 4.34
CA ASN D 72 -17.64 7.54 4.89
C ASN D 72 -18.73 8.57 4.55
N PHE D 73 -19.36 8.45 3.37
CA PHE D 73 -20.47 9.32 2.92
C PHE D 73 -21.42 8.50 2.04
N LEU D 74 -22.72 8.82 2.09
CA LEU D 74 -23.69 8.30 1.10
C LEU D 74 -24.25 9.45 0.26
N ILE D 75 -24.57 9.19 -1.00
CA ILE D 75 -25.24 10.12 -1.93
C ILE D 75 -26.71 9.68 -2.10
N GLY D 76 -27.69 10.53 -1.75
CA GLY D 76 -29.12 10.27 -2.03
C GLY D 76 -29.48 10.75 -3.41
N GLU D 77 -30.52 10.20 -4.03
CA GLU D 77 -31.07 10.75 -5.32
C GLU D 77 -31.92 12.02 -5.05
N ASP D 78 -32.08 12.42 -3.77
CA ASP D 78 -32.59 13.74 -3.33
C ASP D 78 -31.56 14.82 -3.68
N GLY D 79 -30.33 14.40 -4.06
CA GLY D 79 -29.21 15.28 -4.46
C GLY D 79 -28.40 15.82 -3.27
N LEU D 80 -28.62 15.30 -2.05
CA LEU D 80 -27.89 15.62 -0.82
C LEU D 80 -26.90 14.50 -0.48
N VAL D 81 -25.92 14.85 0.34
CA VAL D 81 -24.88 13.93 0.83
C VAL D 81 -25.21 13.72 2.30
N TYR D 82 -25.12 12.47 2.74
CA TYR D 82 -25.42 12.01 4.12
C TYR D 82 -24.05 11.69 4.74
N GLU D 83 -23.72 12.45 5.76
CA GLU D 83 -22.51 12.22 6.58
C GLU D 83 -22.45 10.75 7.02
N GLY D 84 -21.33 10.06 6.78
CA GLY D 84 -21.05 8.69 7.24
C GLY D 84 -19.97 8.69 8.31
N ARG D 85 -18.91 7.90 8.13
CA ARG D 85 -17.72 7.95 9.04
C ARG D 85 -16.93 9.24 8.75
N GLY D 86 -17.12 9.81 7.56
CA GLY D 86 -16.61 11.13 7.16
C GLY D 86 -15.16 11.08 6.70
N TRP D 87 -14.45 12.20 6.80
CA TRP D 87 -13.12 12.42 6.19
C TRP D 87 -12.01 11.79 7.03
N ASN D 88 -12.23 11.61 8.32
CA ASN D 88 -11.15 11.38 9.29
C ASN D 88 -11.17 9.94 9.81
N ILE D 89 -12.24 9.16 9.57
CA ILE D 89 -12.43 7.81 10.20
C ILE D 89 -12.37 6.68 9.14
N LYS D 90 -11.51 5.70 9.39
CA LYS D 90 -11.36 4.49 8.54
C LYS D 90 -12.74 3.89 8.33
N GLY D 91 -13.13 3.77 7.07
CA GLY D 91 -14.41 3.18 6.70
C GLY D 91 -14.31 1.67 6.79
N ALA D 92 -15.36 1.00 6.35
CA ALA D 92 -15.42 -0.45 6.11
C ALA D 92 -16.25 -0.69 4.85
N HIS D 93 -15.70 -0.43 3.68
CA HIS D 93 -16.42 -0.53 2.39
C HIS D 93 -15.58 -1.22 1.29
N ALA D 94 -14.25 -1.37 1.47
CA ALA D 94 -13.34 -1.85 0.39
C ALA D 94 -12.41 -3.01 0.77
N GLY D 95 -12.60 -3.67 1.93
CA GLY D 95 -11.72 -4.74 2.43
C GLY D 95 -10.45 -4.15 3.03
N PRO D 96 -9.61 -4.97 3.75
CA PRO D 96 -8.55 -4.44 4.62
C PRO D 96 -7.38 -3.77 3.89
N THR D 97 -7.21 -4.03 2.59
CA THR D 97 -6.19 -3.35 1.75
C THR D 97 -6.57 -1.87 1.54
N TRP D 98 -7.83 -1.58 1.21
CA TRP D 98 -8.29 -0.25 0.71
C TRP D 98 -8.93 0.60 1.80
N ASN D 99 -9.63 0.00 2.76
CA ASN D 99 -10.28 0.76 3.86
C ASN D 99 -9.32 1.77 4.48
N PRO D 100 -8.04 1.44 4.82
CA PRO D 100 -7.19 2.36 5.59
C PRO D 100 -6.57 3.47 4.75
N ILE D 101 -6.65 3.36 3.41
CA ILE D 101 -6.00 4.32 2.46
C ILE D 101 -7.02 5.05 1.59
N SER D 102 -8.33 4.87 1.81
CA SER D 102 -9.37 5.40 0.91
C SER D 102 -10.55 6.02 1.68
N ILE D 103 -11.35 6.81 0.95
CA ILE D 103 -12.68 7.39 1.30
C ILE D 103 -13.70 6.65 0.46
N GLY D 104 -14.71 6.06 1.10
CA GLY D 104 -15.79 5.27 0.46
C GLY D 104 -17.10 6.04 0.44
N ILE D 105 -17.63 6.23 -0.77
CA ILE D 105 -18.85 7.02 -1.02
C ILE D 105 -19.83 6.13 -1.80
N SER D 106 -21.05 6.02 -1.27
CA SER D 106 -22.05 5.02 -1.71
C SER D 106 -23.28 5.78 -2.15
N PHE D 107 -23.66 5.59 -3.40
CA PHE D 107 -24.95 6.02 -3.94
C PHE D 107 -26.01 5.06 -3.38
N MET D 108 -27.02 5.60 -2.67
CA MET D 108 -28.14 4.82 -2.10
C MET D 108 -29.07 4.37 -3.24
N GLY D 109 -29.03 3.06 -3.55
CA GLY D 109 -29.77 2.42 -4.67
C GLY D 109 -28.92 1.46 -5.48
N ASN D 110 -29.41 1.10 -6.67
CA ASN D 110 -28.84 0.01 -7.51
C ASN D 110 -28.75 0.44 -8.97
N TYR D 111 -27.54 0.66 -9.46
CA TYR D 111 -27.33 1.36 -10.75
C TYR D 111 -26.82 0.36 -11.77
N MET D 112 -27.32 -0.87 -11.72
CA MET D 112 -26.97 -1.92 -12.71
C MET D 112 -27.69 -1.61 -14.03
N ASN D 113 -28.93 -1.07 -13.92
CA ASN D 113 -29.84 -0.80 -15.08
C ASN D 113 -30.28 0.68 -15.14
N ARG D 114 -30.43 1.35 -14.01
CA ARG D 114 -30.72 2.82 -14.00
C ARG D 114 -29.44 3.62 -13.77
N VAL D 115 -29.53 4.91 -14.09
CA VAL D 115 -28.44 5.89 -13.78
C VAL D 115 -28.89 6.73 -12.61
N PRO D 116 -27.97 7.14 -11.72
CA PRO D 116 -28.27 8.16 -10.71
C PRO D 116 -28.61 9.45 -11.47
N PRO D 117 -29.51 10.28 -10.95
CA PRO D 117 -29.88 11.50 -11.68
C PRO D 117 -28.75 12.53 -11.58
N PRO D 118 -28.67 13.52 -12.50
CA PRO D 118 -27.62 14.54 -12.45
C PRO D 118 -27.36 15.04 -11.02
N ARG D 119 -28.41 15.38 -10.28
CA ARG D 119 -28.28 16.07 -8.98
C ARG D 119 -27.56 15.22 -7.94
N ALA D 120 -27.50 13.90 -8.11
CA ALA D 120 -26.74 12.96 -7.26
C ALA D 120 -25.28 12.86 -7.75
N LEU D 121 -25.06 12.80 -9.07
CA LEU D 121 -23.73 12.93 -9.71
C LEU D 121 -23.08 14.23 -9.26
N ARG D 122 -23.82 15.35 -9.27
CA ARG D 122 -23.29 16.70 -8.88
C ARG D 122 -22.87 16.66 -7.42
N ALA D 123 -23.72 16.13 -6.54
CA ALA D 123 -23.44 16.12 -5.07
C ALA D 123 -22.16 15.33 -4.80
N ALA D 124 -21.93 14.24 -5.53
CA ALA D 124 -20.71 13.40 -5.46
C ALA D 124 -19.49 14.19 -5.91
N GLN D 125 -19.55 14.82 -7.10
CA GLN D 125 -18.41 15.61 -7.66
C GLN D 125 -18.11 16.81 -6.76
N ASN D 126 -19.15 17.42 -6.21
CA ASN D 126 -19.09 18.62 -5.34
C ASN D 126 -18.44 18.23 -4.00
N LEU D 127 -18.65 16.98 -3.57
CA LEU D 127 -18.23 16.48 -2.23
C LEU D 127 -16.73 16.22 -2.28
N LEU D 128 -16.27 15.72 -3.42
CA LEU D 128 -14.85 15.40 -3.71
C LEU D 128 -14.10 16.72 -3.79
N ALA D 129 -14.61 17.70 -4.53
CA ALA D 129 -14.03 19.07 -4.56
C ALA D 129 -13.91 19.57 -3.11
N CYS D 130 -14.99 19.62 -2.35
CA CYS D 130 -14.98 20.09 -0.95
C CYS D 130 -13.86 19.31 -0.22
N GLY D 131 -13.77 18.00 -0.43
CA GLY D 131 -12.79 17.12 0.25
C GLY D 131 -11.35 17.53 -0.05
N VAL D 132 -11.02 17.71 -1.34
CA VAL D 132 -9.73 18.28 -1.82
C VAL D 132 -9.53 19.65 -1.16
N ALA D 133 -10.54 20.50 -1.15
CA ALA D 133 -10.43 21.89 -0.67
C ALA D 133 -10.10 21.88 0.82
N LEU D 134 -10.40 20.81 1.55
CA LEU D 134 -10.24 20.73 3.04
C LEU D 134 -8.90 20.10 3.43
N GLY D 135 -8.19 19.52 2.45
CA GLY D 135 -6.97 18.72 2.67
C GLY D 135 -7.28 17.29 3.07
N ALA D 136 -8.56 16.88 3.01
CA ALA D 136 -8.97 15.49 3.33
C ALA D 136 -8.51 14.59 2.20
N LEU D 137 -8.62 15.03 0.96
CA LEU D 137 -8.18 14.28 -0.25
C LEU D 137 -6.96 14.99 -0.87
N ARG D 138 -6.10 14.23 -1.52
CA ARG D 138 -4.94 14.80 -2.26
C ARG D 138 -5.52 15.44 -3.51
N SER D 139 -4.86 16.51 -3.97
CA SER D 139 -5.14 17.31 -5.20
C SER D 139 -5.34 16.39 -6.40
N ASN D 140 -4.49 15.36 -6.50
CA ASN D 140 -4.50 14.29 -7.54
C ASN D 140 -4.96 12.97 -6.90
N TYR D 141 -6.06 13.01 -6.15
CA TYR D 141 -6.70 11.79 -5.64
C TYR D 141 -7.12 10.97 -6.85
N GLU D 142 -7.24 9.65 -6.71
CA GLU D 142 -7.64 8.68 -7.79
C GLU D 142 -8.97 8.06 -7.38
N VAL D 143 -9.83 7.74 -8.33
CA VAL D 143 -11.18 7.20 -8.04
C VAL D 143 -11.13 5.77 -8.55
N LYS D 144 -11.51 4.80 -7.73
CA LYS D 144 -11.72 3.41 -8.17
C LYS D 144 -13.22 3.15 -8.09
N GLY D 145 -13.73 2.30 -8.96
CA GLY D 145 -14.99 1.58 -8.78
C GLY D 145 -14.80 0.54 -7.71
N HIS D 146 -15.85 0.11 -7.04
CA HIS D 146 -15.80 -0.87 -5.94
C HIS D 146 -15.31 -2.19 -6.54
N ARG D 147 -15.87 -2.57 -7.69
CA ARG D 147 -15.57 -3.83 -8.43
C ARG D 147 -14.14 -3.78 -8.97
N ASP D 148 -13.45 -2.64 -8.78
CA ASP D 148 -12.05 -2.43 -9.24
C ASP D 148 -11.10 -2.99 -8.18
N VAL D 149 -11.58 -3.09 -6.94
CA VAL D 149 -10.76 -3.41 -5.73
C VAL D 149 -11.36 -4.60 -4.99
N GLN D 150 -12.59 -4.98 -5.27
CA GLN D 150 -13.28 -6.02 -4.49
C GLN D 150 -14.25 -6.69 -5.42
N PRO D 151 -14.49 -8.00 -5.24
CA PRO D 151 -15.34 -8.76 -6.15
C PRO D 151 -16.76 -8.35 -5.79
N THR D 152 -17.43 -7.76 -6.79
CA THR D 152 -18.79 -7.19 -6.67
C THR D 152 -19.23 -6.56 -8.00
N LEU D 153 -20.55 -6.33 -8.15
CA LEU D 153 -21.08 -5.51 -9.25
C LEU D 153 -21.04 -4.04 -8.84
N SER D 154 -20.94 -3.79 -7.55
CA SER D 154 -20.88 -2.43 -6.97
C SER D 154 -19.80 -1.66 -7.71
N PRO D 155 -20.07 -0.45 -8.26
CA PRO D 155 -21.31 0.30 -8.00
C PRO D 155 -22.40 0.26 -9.08
N GLY D 156 -22.57 -0.84 -9.81
CA GLY D 156 -23.59 -1.01 -10.85
C GLY D 156 -23.09 -0.56 -12.21
N ASP D 157 -23.46 -1.24 -13.29
CA ASP D 157 -22.86 -1.07 -14.65
C ASP D 157 -22.96 0.37 -15.09
N ARG D 158 -24.13 0.97 -14.95
CA ARG D 158 -24.45 2.33 -15.44
C ARG D 158 -23.55 3.31 -14.71
N LEU D 159 -23.56 3.28 -13.37
CA LEU D 159 -22.75 4.21 -12.55
C LEU D 159 -21.25 3.95 -12.79
N TYR D 160 -20.86 2.67 -12.93
CA TYR D 160 -19.45 2.28 -13.22
C TYR D 160 -19.01 2.95 -14.55
N GLU D 161 -19.85 2.88 -15.59
CA GLU D 161 -19.58 3.56 -16.88
C GLU D 161 -19.36 5.06 -16.63
N ILE D 162 -20.15 5.68 -15.76
CA ILE D 162 -20.13 7.15 -15.59
C ILE D 162 -18.82 7.51 -14.89
N ILE D 163 -18.48 6.87 -13.77
CA ILE D 163 -17.30 7.30 -12.96
C ILE D 163 -16.04 7.08 -13.79
N GLN D 164 -16.09 6.22 -14.81
CA GLN D 164 -14.94 5.92 -15.72
C GLN D 164 -14.56 7.16 -16.54
N THR D 165 -15.55 8.02 -16.84
CA THR D 165 -15.39 9.27 -17.63
C THR D 165 -14.80 10.41 -16.76
N TRP D 166 -14.80 10.29 -15.43
CA TRP D 166 -14.41 11.38 -14.48
C TRP D 166 -12.90 11.68 -14.58
N SER D 167 -12.51 12.93 -14.26
CA SER D 167 -11.13 13.46 -14.38
C SER D 167 -10.14 12.66 -13.51
N HIS D 168 -10.59 12.21 -12.33
CA HIS D 168 -9.72 11.60 -11.28
C HIS D 168 -9.85 10.07 -11.27
N TYR D 169 -10.46 9.43 -12.26
CA TYR D 169 -10.58 7.96 -12.28
C TYR D 169 -9.25 7.33 -12.75
N ARG D 170 -8.95 6.13 -12.24
CA ARG D 170 -7.73 5.32 -12.51
C ARG D 170 -8.01 3.81 -12.42
N ALA D 171 -7.93 3.12 -13.56
CA ALA D 171 -7.91 1.64 -13.67
C ALA D 171 -6.52 1.14 -13.25
C1 EDO E . 18.31 -16.20 12.03
O1 EDO E . 18.64 -15.88 10.69
C2 EDO E . 19.13 -15.38 12.97
O2 EDO E . 18.71 -15.37 14.34
O1 TLA F . 23.93 -24.07 -4.21
O11 TLA F . 21.72 -24.07 -4.22
C1 TLA F . 22.83 -23.48 -4.18
C2 TLA F . 22.76 -21.98 -4.07
O2 TLA F . 24.01 -21.37 -4.46
C3 TLA F . 22.22 -21.57 -2.66
O3 TLA F . 22.90 -22.16 -1.53
C4 TLA F . 22.18 -20.07 -2.55
O4 TLA F . 23.03 -19.46 -1.84
O41 TLA F . 21.28 -19.47 -3.18
C1 EDO G . 27.68 28.59 0.08
O1 EDO G . 26.26 28.37 -0.10
C2 EDO G . 28.18 29.96 -0.22
O2 EDO G . 28.18 30.79 0.91
C1 EDO H . 6.78 8.48 -3.52
O1 EDO H . 5.70 9.27 -4.00
C2 EDO H . 7.06 7.31 -4.42
O2 EDO H . 8.42 6.86 -4.40
CL CL I . 15.57 34.52 4.95
C ACT J . -17.32 -15.04 15.77
O ACT J . -17.12 -13.82 15.89
OXT ACT J . -17.86 -15.53 14.78
CH3 ACT J . -16.86 -16.00 16.88
O1 TLA K . -23.45 -10.04 -5.22
O11 TLA K . -25.24 -9.22 -6.14
C1 TLA K . -24.09 -9.07 -5.72
C2 TLA K . -23.47 -7.71 -5.80
O2 TLA K . -22.12 -7.74 -5.20
C3 TLA K . -24.39 -6.73 -5.10
O3 TLA K . -24.27 -6.99 -3.71
C4 TLA K . -24.02 -5.29 -5.39
O4 TLA K . -23.57 -4.50 -4.50
O41 TLA K . -24.15 -4.90 -6.57
C1 EDO L . -19.68 -10.67 -4.13
O1 EDO L . -20.29 -10.45 -5.37
C2 EDO L . -19.19 -12.06 -4.05
O2 EDO L . -17.89 -12.15 -3.45
C1 EDO M . -14.30 -4.78 5.81
O1 EDO M . -14.87 -4.01 4.74
C2 EDO M . -15.18 -5.88 6.38
O2 EDO M . -15.04 -6.08 7.80
CA 6NA N . -11.64 -9.10 1.16
C 6NA N . -10.41 -9.42 2.00
O 6NA N . -9.35 -9.71 1.38
CB 6NA N . -12.85 -9.98 1.38
CG 6NA N . -13.58 -10.36 0.09
CD 6NA N . -14.93 -9.75 -0.17
C6 6NA N . -15.75 -10.55 -1.17
OXT 6NA N . -10.49 -9.36 3.26
C1 GOL O . -23.63 -3.52 -1.13
O1 GOL O . -24.25 -4.57 -1.88
C2 GOL O . -22.36 -3.08 -1.80
O2 GOL O . -21.48 -4.20 -1.81
C3 GOL O . -21.73 -1.85 -1.16
O3 GOL O . -21.00 -2.15 0.02
O1 TLA P . -16.86 -2.97 15.02
O11 TLA P . -16.93 -5.12 14.41
C1 TLA P . -16.58 -3.92 14.21
C2 TLA P . -15.82 -3.66 12.93
O2 TLA P . -14.48 -4.18 13.02
C3 TLA P . -15.82 -2.15 12.64
O3 TLA P . -14.87 -1.55 13.54
C4 TLA P . -15.53 -1.85 11.20
O4 TLA P . -14.68 -0.98 10.92
O41 TLA P . -16.16 -2.50 10.34
C1 EDO Q . -18.19 -7.76 -1.29
O1 EDO Q . -16.78 -7.62 -1.46
C2 EDO Q . -18.77 -6.75 -0.36
O2 EDO Q . -17.87 -6.27 0.64
#